data_5VA9
#
_entry.id   5VA9
#
_cell.length_a   169.920
_cell.length_b   169.920
_cell.length_c   79.420
_cell.angle_alpha   90.00
_cell.angle_beta   90.00
_cell.angle_gamma   90.00
#
_symmetry.space_group_name_H-M   'P 43 21 2'
#
loop_
_entity.id
_entity.type
_entity.pdbx_description
1 polymer 'Pancreatic alpha-amylase'
2 polymer 'Peptide Inhibitor piHA-L5(d10Y)'
3 non-polymer 'CHLORIDE ION'
4 non-polymer 'CALCIUM ION'
5 water water
#
loop_
_entity_poly.entity_id
_entity_poly.type
_entity_poly.pdbx_seq_one_letter_code
_entity_poly.pdbx_strand_id
1 'polypeptide(L)'
;(PCA)YSPNTQQGRTSIVHLFEWRWVDIALECERYLAPKGFGGVQVSPPNENVAIYNPFRPWWERYQPVSYKLCTRSGNE
DEFRNMVTRCNNVGVRIYVDAVINHMCGNAVSAGTSSTCGSYFNPGSRDFPAVPYSGWDFNDGKCKTGSGDIENYNDATQ
VRDCRLTGLLDLALEKDYVRSKIAEYMNHLIDIGVAGFRLDASKHMWPGDIKAILDKLHNLNSNWFPAGSKPFIYQEVID
LGGEPIKSSDYFGNGRVTEFKYGAKLGTVIRKWNGEKMSYLKNWGEGWGFVPSDRALVFVDNHDNQRGHGAGGASILTFW
DARLYKMAVGFMLAHPYGFTRVMSSYRWPRQFQNGNDVNDWVGPPNNNGVIKEVTINPDTTCGNDWVCEHRWRQIRNMVI
FRNVVDGQPFTNWYDNGSNQVAFGRGNRGFIVFNNDDWSFSLTLQTGLPAGTYCDVISGDKINGNCTGIKIYVSDDGKAH
FSISNSAEDPFIAIHAESKL
;
A,B
2 'polypeptide(L)' (ACE)YGHSHIRFGYSYHVSYCG(NH2) C,D
#
# COMPACT_ATOMS: atom_id res chain seq x y z
N TYR A 2 5.50 -4.60 25.26
CA TYR A 2 4.23 -4.12 24.73
C TYR A 2 3.54 -3.17 25.71
N SER A 3 3.80 -3.38 27.00
CA SER A 3 3.20 -2.53 28.02
C SER A 3 3.97 -1.22 28.12
N PRO A 4 3.28 -0.07 28.11
CA PRO A 4 4.00 1.20 28.25
C PRO A 4 4.67 1.39 29.61
N ASN A 5 4.31 0.59 30.61
CA ASN A 5 4.80 0.72 31.99
C ASN A 5 4.39 2.05 32.61
N THR A 6 3.26 2.62 32.15
CA THR A 6 2.71 3.81 32.76
C THR A 6 2.00 3.45 34.07
N GLN A 7 1.69 4.48 34.85
CA GLN A 7 0.84 4.27 36.01
C GLN A 7 -0.59 3.97 35.57
N GLN A 8 -1.28 3.19 36.39
CA GLN A 8 -2.66 2.80 36.10
C GLN A 8 -3.51 4.04 35.80
N GLY A 9 -4.25 3.98 34.70
CA GLY A 9 -5.14 5.07 34.35
C GLY A 9 -4.49 6.23 33.64
N ARG A 10 -3.25 6.09 33.17
CA ARG A 10 -2.60 7.07 32.32
C ARG A 10 -2.29 6.38 30.99
N THR A 11 -2.96 6.82 29.93
CA THR A 11 -3.04 6.04 28.70
C THR A 11 -2.35 6.68 27.50
N SER A 12 -1.65 7.80 27.67
CA SER A 12 -1.02 8.45 26.54
C SER A 12 0.36 8.97 26.93
N ILE A 13 1.23 9.05 25.91
CA ILE A 13 2.51 9.74 26.05
C ILE A 13 2.48 10.93 25.10
N VAL A 14 3.33 11.91 25.39
CA VAL A 14 3.45 13.12 24.60
C VAL A 14 4.89 13.24 24.13
N HIS A 15 5.07 13.63 22.87
CA HIS A 15 6.40 13.82 22.32
C HIS A 15 6.78 15.27 22.56
N LEU A 16 7.63 15.50 23.56
CA LEU A 16 8.14 16.84 23.84
C LEU A 16 9.35 17.02 22.94
N PHE A 17 9.07 17.50 21.73
CA PHE A 17 10.03 17.46 20.64
C PHE A 17 11.03 18.60 20.81
N GLU A 18 12.30 18.24 20.98
CA GLU A 18 13.41 19.18 21.15
C GLU A 18 13.34 19.96 22.45
N TRP A 19 12.53 19.51 23.41
CA TRP A 19 12.48 20.17 24.71
C TRP A 19 13.76 19.91 25.49
N ARG A 20 14.13 20.89 26.31
CA ARG A 20 15.26 20.75 27.22
C ARG A 20 14.87 19.90 28.42
N TRP A 21 15.86 19.19 28.98
CA TRP A 21 15.57 18.24 30.06
C TRP A 21 14.95 18.92 31.27
N VAL A 22 15.46 20.10 31.66
CA VAL A 22 14.91 20.77 32.84
C VAL A 22 13.49 21.25 32.58
N ASP A 23 13.20 21.70 31.35
CA ASP A 23 11.83 22.08 31.02
C ASP A 23 10.89 20.90 31.09
N ILE A 24 11.34 19.73 30.64
CA ILE A 24 10.50 18.52 30.72
C ILE A 24 10.23 18.15 32.17
N ALA A 25 11.28 18.17 33.00
CA ALA A 25 11.14 17.81 34.41
C ALA A 25 10.15 18.72 35.11
N LEU A 26 10.27 20.02 34.89
CA LEU A 26 9.28 20.96 35.43
C LEU A 26 7.90 20.69 34.84
N GLU A 27 7.84 20.37 33.55
CA GLU A 27 6.55 20.12 32.90
C GLU A 27 5.89 18.86 33.48
N CYS A 28 6.68 17.85 33.83
CA CYS A 28 6.15 16.69 34.52
C CYS A 28 5.42 17.10 35.80
N GLU A 29 6.08 17.92 36.61
CA GLU A 29 5.55 18.28 37.92
C GLU A 29 4.38 19.25 37.80
N ARG A 30 4.52 20.28 36.98
CA ARG A 30 3.51 21.34 36.93
C ARG A 30 2.32 21.00 36.07
N TYR A 31 2.46 20.09 35.09
CA TYR A 31 1.38 19.89 34.14
C TYR A 31 1.08 18.42 33.87
N LEU A 32 2.09 17.66 33.42
CA LEU A 32 1.85 16.30 32.95
C LEU A 32 1.29 15.40 34.06
N ALA A 33 1.82 15.53 35.28
CA ALA A 33 1.28 14.72 36.37
C ALA A 33 -0.14 15.13 36.75
N PRO A 34 -0.44 16.40 37.06
CA PRO A 34 -1.84 16.74 37.37
C PRO A 34 -2.82 16.50 36.23
N LYS A 35 -2.39 16.63 34.98
CA LYS A 35 -3.29 16.46 33.85
C LYS A 35 -3.38 15.02 33.35
N GLY A 36 -2.71 14.07 33.99
CA GLY A 36 -2.93 12.67 33.71
C GLY A 36 -2.12 12.08 32.57
N PHE A 37 -1.12 12.79 32.05
CA PHE A 37 -0.28 12.24 30.99
C PHE A 37 0.52 11.06 31.52
N GLY A 38 0.69 10.05 30.67
CA GLY A 38 1.34 8.82 31.08
C GLY A 38 2.85 8.84 30.97
N GLY A 39 3.38 9.60 30.02
CA GLY A 39 4.81 9.63 29.82
C GLY A 39 5.19 10.63 28.75
N VAL A 40 6.49 10.69 28.48
CA VAL A 40 7.07 11.66 27.57
C VAL A 40 8.07 10.93 26.67
N GLN A 41 7.99 11.19 25.36
CA GLN A 41 9.03 10.76 24.43
C GLN A 41 10.02 11.91 24.27
N VAL A 42 11.28 11.65 24.59
CA VAL A 42 12.30 12.68 24.57
C VAL A 42 13.06 12.60 23.24
N SER A 43 13.56 13.75 22.80
CA SER A 43 14.48 13.78 21.68
C SER A 43 15.72 12.97 22.04
N PRO A 44 16.46 12.48 21.05
CA PRO A 44 17.61 11.58 21.32
C PRO A 44 18.56 12.21 22.32
N PRO A 45 18.78 11.55 23.46
CA PRO A 45 19.58 12.15 24.53
C PRO A 45 21.09 12.02 24.33
N ASN A 46 21.53 11.38 23.26
CA ASN A 46 22.94 11.08 23.07
C ASN A 46 23.59 12.12 22.17
N GLU A 47 24.90 12.28 22.33
CA GLU A 47 25.65 13.30 21.60
C GLU A 47 25.47 13.12 20.10
N ASN A 48 25.25 14.23 19.41
CA ASN A 48 25.05 14.24 17.97
C ASN A 48 25.97 15.26 17.33
N VAL A 49 25.99 15.25 16.00
CA VAL A 49 26.77 16.24 15.26
C VAL A 49 26.14 17.61 15.41
N ALA A 50 26.98 18.62 15.64
CA ALA A 50 26.56 20.02 15.56
C ALA A 50 26.68 20.46 14.10
N ILE A 51 25.56 20.62 13.42
CA ILE A 51 25.52 20.99 12.02
C ILE A 51 25.22 22.48 11.91
N TYR A 52 26.11 23.22 11.24
CA TYR A 52 25.95 24.65 11.09
C TYR A 52 25.51 25.07 9.69
N ASN A 53 25.50 24.14 8.73
CA ASN A 53 24.94 24.41 7.42
C ASN A 53 23.98 23.29 7.03
N PRO A 54 22.67 23.50 7.23
CA PRO A 54 22.04 24.70 7.75
C PRO A 54 22.20 24.84 9.26
N PHE A 55 21.75 25.95 9.83
CA PHE A 55 22.09 26.30 11.21
C PHE A 55 21.27 25.48 12.19
N ARG A 56 21.94 24.52 12.86
CA ARG A 56 21.39 23.64 13.89
C ARG A 56 20.02 23.10 13.52
N PRO A 57 19.93 22.25 12.49
CA PRO A 57 18.63 21.68 12.13
C PRO A 57 18.19 20.65 13.15
N TRP A 58 16.87 20.44 13.21
CA TRP A 58 16.34 19.44 14.13
C TRP A 58 16.91 18.05 13.83
N TRP A 59 17.14 17.75 12.55
CA TRP A 59 17.60 16.42 12.16
C TRP A 59 19.08 16.17 12.43
N GLU A 60 19.81 17.17 12.95
CA GLU A 60 21.17 16.90 13.39
C GLU A 60 21.20 15.89 14.53
N ARG A 61 20.11 15.76 15.30
CA ARG A 61 20.08 14.88 16.45
C ARG A 61 19.89 13.41 16.08
N TYR A 62 19.65 13.10 14.81
CA TYR A 62 19.60 11.73 14.33
C TYR A 62 20.91 11.30 13.68
N GLN A 63 22.00 12.01 13.98
CA GLN A 63 23.33 11.70 13.47
C GLN A 63 24.25 11.58 14.69
N PRO A 64 24.25 10.42 15.35
CA PRO A 64 24.97 10.29 16.62
C PRO A 64 26.48 10.41 16.45
N VAL A 65 27.10 11.12 17.40
CA VAL A 65 28.55 11.11 17.53
C VAL A 65 29.01 10.06 18.53
N SER A 66 28.30 9.93 19.65
CA SER A 66 28.61 8.94 20.67
C SER A 66 27.35 8.69 21.49
N TYR A 67 27.49 7.86 22.52
CA TYR A 67 26.40 7.54 23.42
C TYR A 67 26.46 8.32 24.72
N LYS A 68 27.28 9.38 24.80
CA LYS A 68 27.23 10.27 25.94
C LYS A 68 25.90 11.01 25.98
N LEU A 69 25.33 11.13 27.18
CA LEU A 69 24.07 11.85 27.35
C LEU A 69 24.40 13.33 27.46
N CYS A 70 24.63 13.95 26.29
CA CYS A 70 25.16 15.31 26.23
C CYS A 70 24.68 15.92 24.91
N THR A 71 23.65 16.75 24.98
CA THR A 71 23.00 17.32 23.80
C THR A 71 22.64 18.77 24.07
N ARG A 72 22.08 19.43 23.06
CA ARG A 72 21.49 20.75 23.25
C ARG A 72 20.35 20.73 24.26
N SER A 73 19.85 19.56 24.65
CA SER A 73 18.81 19.46 25.66
C SER A 73 19.35 19.39 27.08
N GLY A 74 20.62 19.03 27.26
CA GLY A 74 21.21 19.01 28.58
C GLY A 74 22.24 17.90 28.71
N ASN A 75 22.90 17.89 29.87
CA ASN A 75 23.95 16.93 30.18
C ASN A 75 23.35 15.74 30.93
N GLU A 76 24.22 14.83 31.40
CA GLU A 76 23.73 13.63 32.06
C GLU A 76 23.07 13.95 33.40
N ASP A 77 23.62 14.93 34.14
CA ASP A 77 23.01 15.34 35.40
C ASP A 77 21.58 15.84 35.16
N GLU A 78 21.41 16.74 34.18
CA GLU A 78 20.08 17.24 33.87
C GLU A 78 19.16 16.13 33.39
N PHE A 79 19.67 15.19 32.60
CA PHE A 79 18.85 14.07 32.16
C PHE A 79 18.44 13.19 33.32
N ARG A 80 19.42 12.78 34.15
CA ARG A 80 19.13 11.99 35.34
C ARG A 80 18.10 12.69 36.22
N ASN A 81 18.24 14.02 36.38
CA ASN A 81 17.32 14.78 37.21
C ASN A 81 15.92 14.81 36.60
N MET A 82 15.83 14.93 35.27
CA MET A 82 14.54 14.90 34.61
C MET A 82 13.85 13.55 34.79
N VAL A 83 14.60 12.46 34.64
CA VAL A 83 14.01 11.14 34.76
C VAL A 83 13.55 10.88 36.19
N THR A 84 14.35 11.30 37.17
CA THR A 84 13.98 11.12 38.56
C THR A 84 12.71 11.89 38.91
N ARG A 85 12.69 13.18 38.59
CA ARG A 85 11.56 14.03 38.94
C ARG A 85 10.27 13.58 38.26
N CYS A 86 10.37 13.11 37.01
CA CYS A 86 9.17 12.67 36.31
C CYS A 86 8.63 11.37 36.90
N ASN A 87 9.50 10.39 37.13
CA ASN A 87 9.08 9.14 37.76
C ASN A 87 8.45 9.39 39.12
N ASN A 88 8.97 10.37 39.88
CA ASN A 88 8.48 10.63 41.21
C ASN A 88 7.04 11.16 41.21
N VAL A 89 6.63 11.82 40.12
CA VAL A 89 5.26 12.28 39.98
C VAL A 89 4.43 11.39 39.05
N GLY A 90 4.96 10.23 38.66
CA GLY A 90 4.19 9.26 37.92
C GLY A 90 4.18 9.42 36.41
N VAL A 91 5.09 10.19 35.85
CA VAL A 91 5.17 10.41 34.40
C VAL A 91 6.45 9.74 33.91
N ARG A 92 6.31 8.85 32.94
CA ARG A 92 7.45 8.05 32.49
C ARG A 92 8.25 8.79 31.44
N ILE A 93 9.46 8.28 31.18
CA ILE A 93 10.36 8.82 30.16
C ILE A 93 10.68 7.71 29.19
N TYR A 94 10.52 7.98 27.89
CA TYR A 94 10.83 7.05 26.82
C TYR A 94 11.85 7.70 25.91
N VAL A 95 12.94 6.98 25.64
CA VAL A 95 14.10 7.54 24.96
C VAL A 95 14.03 7.19 23.48
N ASP A 96 14.15 8.21 22.63
CA ASP A 96 14.31 8.01 21.20
C ASP A 96 15.70 7.44 20.99
N ALA A 97 15.78 6.13 20.76
CA ALA A 97 17.06 5.44 20.65
C ALA A 97 17.49 5.43 19.18
N VAL A 98 18.50 6.22 18.85
CA VAL A 98 19.05 6.27 17.50
C VAL A 98 20.18 5.26 17.45
N ILE A 99 19.85 4.03 17.07
CA ILE A 99 20.75 2.89 17.15
C ILE A 99 21.06 2.28 15.80
N ASN A 100 20.43 2.74 14.73
CA ASN A 100 20.67 2.16 13.41
C ASN A 100 21.93 2.70 12.75
N HIS A 101 22.36 3.91 13.12
CA HIS A 101 23.40 4.57 12.36
C HIS A 101 24.14 5.57 13.24
N MET A 102 25.32 5.96 12.78
CA MET A 102 26.03 7.15 13.22
C MET A 102 25.71 8.28 12.25
N CYS A 103 26.53 9.33 12.24
CA CYS A 103 26.28 10.47 11.38
C CYS A 103 26.56 10.13 9.92
N GLY A 104 26.24 11.08 9.05
CA GLY A 104 26.48 10.89 7.63
C GLY A 104 27.96 10.67 7.33
N ASN A 105 28.21 9.91 6.27
CA ASN A 105 29.58 9.54 5.93
C ASN A 105 30.41 10.73 5.48
N ALA A 106 29.78 11.73 4.85
CA ALA A 106 30.50 12.87 4.29
C ALA A 106 30.63 14.03 5.27
N VAL A 107 30.22 13.84 6.53
CA VAL A 107 30.37 14.89 7.53
C VAL A 107 31.85 15.09 7.83
N SER A 108 32.26 16.35 7.97
CA SER A 108 33.66 16.67 8.22
C SER A 108 34.12 16.12 9.56
N ALA A 109 35.29 15.49 9.56
CA ALA A 109 35.90 15.02 10.79
C ALA A 109 36.28 16.21 11.67
N GLY A 110 36.21 16.00 12.98
CA GLY A 110 36.59 17.02 13.94
C GLY A 110 35.80 16.86 15.22
N THR A 111 35.68 17.97 15.96
CA THR A 111 34.98 17.99 17.23
C THR A 111 33.66 18.75 17.16
N SER A 112 33.09 18.93 15.97
CA SER A 112 31.86 19.69 15.80
C SER A 112 30.67 18.83 16.25
N SER A 113 30.63 18.57 17.55
CA SER A 113 29.64 17.72 18.16
C SER A 113 29.12 18.38 19.42
N THR A 114 28.00 17.86 19.94
CA THR A 114 27.31 18.51 21.04
C THR A 114 28.04 18.37 22.37
N CYS A 115 28.95 17.40 22.49
CA CYS A 115 29.83 17.31 23.65
C CYS A 115 31.30 17.52 23.29
N GLY A 116 31.59 17.94 22.05
CA GLY A 116 32.96 18.14 21.65
C GLY A 116 33.77 16.88 21.43
N SER A 117 33.13 15.71 21.42
CA SER A 117 33.85 14.47 21.13
C SER A 117 34.39 14.51 19.70
N TYR A 118 35.60 13.98 19.52
CA TYR A 118 36.15 13.84 18.19
C TYR A 118 35.49 12.68 17.46
N PHE A 119 35.26 12.86 16.17
CA PHE A 119 34.75 11.79 15.32
C PHE A 119 35.20 12.06 13.89
N ASN A 120 35.42 10.98 13.14
CA ASN A 120 35.92 11.04 11.78
C ASN A 120 35.09 10.11 10.92
N PRO A 121 33.97 10.60 10.37
CA PRO A 121 33.15 9.73 9.52
C PRO A 121 33.91 9.15 8.33
N GLY A 122 34.79 9.95 7.71
CA GLY A 122 35.57 9.47 6.59
C GLY A 122 36.33 8.18 6.90
N SER A 123 36.91 8.09 8.09
CA SER A 123 37.67 6.91 8.47
C SER A 123 36.86 5.96 9.35
N ARG A 124 35.57 6.22 9.54
CA ARG A 124 34.67 5.35 10.32
C ARG A 124 35.09 5.29 11.77
N ASP A 125 35.71 6.36 12.28
CA ASP A 125 36.30 6.38 13.61
C ASP A 125 35.45 7.26 14.54
N PHE A 126 34.89 6.64 15.57
CA PHE A 126 34.14 7.33 16.62
C PHE A 126 34.74 6.90 17.95
N PRO A 127 35.86 7.50 18.36
CA PRO A 127 36.59 6.98 19.53
C PRO A 127 35.83 7.13 20.83
N ALA A 128 34.81 7.98 20.89
CA ALA A 128 34.07 8.18 22.14
C ALA A 128 33.16 7.00 22.48
N VAL A 129 32.87 6.14 21.51
CA VAL A 129 32.03 4.97 21.76
C VAL A 129 32.77 3.80 22.44
N PRO A 130 33.85 3.27 21.83
CA PRO A 130 34.46 3.53 20.52
C PRO A 130 33.89 2.64 19.41
N TYR A 131 33.80 3.19 18.20
CA TYR A 131 33.50 2.45 16.99
C TYR A 131 34.63 2.62 16.00
N SER A 132 34.84 1.60 15.17
CA SER A 132 35.82 1.68 14.10
C SER A 132 35.20 1.23 12.78
N GLY A 133 36.02 1.09 11.74
CA GLY A 133 35.52 0.62 10.45
C GLY A 133 34.95 -0.78 10.51
N TRP A 134 35.40 -1.59 11.46
CA TRP A 134 34.89 -2.95 11.61
C TRP A 134 33.42 -2.96 12.04
N ASP A 135 32.92 -1.86 12.58
CA ASP A 135 31.59 -1.82 13.18
C ASP A 135 30.53 -1.24 12.25
N PHE A 136 30.84 -1.09 10.96
CA PHE A 136 29.91 -0.54 9.99
C PHE A 136 29.68 -1.53 8.85
N ASN A 137 28.67 -1.22 8.04
CA ASN A 137 28.18 -2.12 7.01
C ASN A 137 28.76 -1.85 5.62
N ASP A 138 29.90 -1.15 5.54
CA ASP A 138 30.53 -0.89 4.25
C ASP A 138 30.66 -2.17 3.43
N GLY A 139 31.15 -3.23 4.05
CA GLY A 139 31.31 -4.49 3.34
C GLY A 139 29.97 -5.13 2.98
N LYS A 140 29.02 -5.15 3.92
CA LYS A 140 27.80 -5.90 3.73
C LYS A 140 26.87 -5.24 2.71
N CYS A 141 26.94 -3.91 2.59
CA CYS A 141 26.08 -3.18 1.67
C CYS A 141 26.54 -3.42 0.24
N LYS A 142 25.63 -3.90 -0.61
CA LYS A 142 25.95 -4.32 -1.97
C LYS A 142 25.66 -3.25 -3.01
N THR A 143 25.16 -2.09 -2.62
CA THR A 143 24.71 -1.11 -3.58
C THR A 143 25.87 -0.24 -4.09
N GLY A 144 25.66 0.35 -5.27
CA GLY A 144 26.73 1.10 -5.91
C GLY A 144 27.13 2.37 -5.17
N SER A 145 26.16 3.10 -4.64
CA SER A 145 26.43 4.36 -3.97
C SER A 145 26.71 4.20 -2.48
N GLY A 146 26.57 3.00 -1.94
CA GLY A 146 26.67 2.79 -0.50
C GLY A 146 25.48 3.25 0.30
N ASP A 147 24.46 3.81 -0.34
CA ASP A 147 23.25 4.28 0.33
C ASP A 147 22.05 3.43 -0.04
N ILE A 148 20.92 3.71 0.58
CA ILE A 148 19.68 3.01 0.25
C ILE A 148 19.11 3.61 -1.03
N GLU A 149 19.01 2.80 -2.07
CA GLU A 149 18.49 3.22 -3.37
C GLU A 149 17.11 2.63 -3.67
N ASN A 150 16.97 1.32 -3.53
CA ASN A 150 15.74 0.62 -3.91
C ASN A 150 15.09 0.10 -2.64
N TYR A 151 13.94 0.67 -2.28
CA TYR A 151 13.20 0.23 -1.10
C TYR A 151 12.48 -1.09 -1.29
N ASN A 152 12.42 -1.61 -2.51
CA ASN A 152 11.87 -2.93 -2.76
C ASN A 152 12.88 -4.04 -2.54
N ASP A 153 14.07 -3.71 -2.05
CA ASP A 153 15.08 -4.68 -1.66
C ASP A 153 15.25 -4.55 -0.15
N ALA A 154 14.63 -5.47 0.60
CA ALA A 154 14.63 -5.37 2.06
C ALA A 154 16.04 -5.53 2.62
N THR A 155 16.91 -6.27 1.93
CA THR A 155 18.28 -6.43 2.40
C THR A 155 19.02 -5.10 2.35
N GLN A 156 18.86 -4.35 1.26
CA GLN A 156 19.56 -3.08 1.13
C GLN A 156 19.02 -2.02 2.07
N VAL A 157 17.70 -2.02 2.30
CA VAL A 157 17.10 -1.11 3.28
C VAL A 157 17.74 -1.28 4.65
N ARG A 158 18.11 -2.51 5.00
CA ARG A 158 18.70 -2.83 6.30
C ARG A 158 20.22 -2.67 6.31
N ASP A 159 20.90 -3.11 5.26
CA ASP A 159 22.35 -3.20 5.28
C ASP A 159 23.06 -2.00 4.69
N CYS A 160 22.35 -1.00 4.17
CA CYS A 160 22.98 0.15 3.54
C CYS A 160 22.63 1.44 4.26
N ARG A 161 23.28 2.52 3.82
CA ARG A 161 23.28 3.79 4.55
C ARG A 161 21.98 4.54 4.27
N LEU A 162 21.17 4.70 5.32
CA LEU A 162 19.96 5.50 5.22
C LEU A 162 20.31 6.95 4.92
N THR A 163 20.02 7.40 3.70
CA THR A 163 20.38 8.75 3.25
C THR A 163 21.84 9.09 3.59
N GLY A 164 22.73 8.11 3.41
CA GLY A 164 24.14 8.30 3.64
C GLY A 164 24.59 8.26 5.07
N LEU A 165 23.70 8.00 6.02
CA LEU A 165 24.09 7.85 7.42
C LEU A 165 24.81 6.52 7.61
N LEU A 166 25.96 6.56 8.29
CA LEU A 166 26.81 5.38 8.43
C LEU A 166 26.07 4.27 9.17
N ASP A 167 25.89 3.14 8.50
CA ASP A 167 25.02 2.07 8.99
C ASP A 167 25.82 1.09 9.83
N LEU A 168 25.46 0.97 11.10
CA LEU A 168 26.18 0.08 12.01
C LEU A 168 25.90 -1.38 11.68
N ALA A 169 26.86 -2.24 12.02
CA ALA A 169 26.75 -3.68 11.79
C ALA A 169 26.17 -4.31 13.04
N LEU A 170 24.84 -4.40 13.09
CA LEU A 170 24.14 -4.86 14.27
C LEU A 170 24.16 -6.37 14.42
N GLU A 171 24.77 -7.10 13.49
CA GLU A 171 24.96 -8.54 13.66
C GLU A 171 26.12 -8.86 14.58
N LYS A 172 27.03 -7.91 14.81
CA LYS A 172 28.22 -8.15 15.62
C LYS A 172 27.90 -7.95 17.09
N ASP A 173 28.34 -8.90 17.92
CA ASP A 173 28.08 -8.82 19.35
C ASP A 173 28.67 -7.56 19.97
N TYR A 174 29.83 -7.10 19.47
CA TYR A 174 30.43 -5.89 20.00
C TYR A 174 29.53 -4.68 19.80
N VAL A 175 28.97 -4.53 18.59
CA VAL A 175 28.08 -3.41 18.32
C VAL A 175 26.79 -3.54 19.11
N ARG A 176 26.26 -4.75 19.23
CA ARG A 176 25.07 -4.99 20.04
C ARG A 176 25.32 -4.64 21.50
N SER A 177 26.53 -4.91 21.99
CA SER A 177 26.81 -4.66 23.40
C SER A 177 26.96 -3.18 23.70
N LYS A 178 27.64 -2.43 22.83
CA LYS A 178 27.74 -0.99 23.03
C LYS A 178 26.37 -0.31 23.03
N ILE A 179 25.50 -0.71 22.09
CA ILE A 179 24.14 -0.17 22.07
C ILE A 179 23.40 -0.56 23.34
N ALA A 180 23.49 -1.84 23.72
CA ALA A 180 22.83 -2.31 24.93
C ALA A 180 23.42 -1.65 26.17
N GLU A 181 24.74 -1.43 26.19
CA GLU A 181 25.34 -0.68 27.29
C GLU A 181 24.72 0.70 27.41
N TYR A 182 24.59 1.39 26.28
CA TYR A 182 23.94 2.70 26.25
C TYR A 182 22.50 2.60 26.74
N MET A 183 21.71 1.69 26.17
CA MET A 183 20.31 1.56 26.54
C MET A 183 20.16 1.14 28.00
N ASN A 184 21.02 0.23 28.48
CA ASN A 184 20.96 -0.17 29.89
C ASN A 184 21.33 0.96 30.82
N HIS A 185 22.20 1.87 30.38
CA HIS A 185 22.50 3.05 31.18
C HIS A 185 21.25 3.90 31.36
N LEU A 186 20.43 4.01 30.32
CA LEU A 186 19.18 4.76 30.43
C LEU A 186 18.16 4.02 31.28
N ILE A 187 18.10 2.70 31.16
CA ILE A 187 17.19 1.90 31.99
C ILE A 187 17.55 2.05 33.46
N ASP A 188 18.85 1.98 33.78
CA ASP A 188 19.28 2.12 35.17
C ASP A 188 18.95 3.50 35.72
N ILE A 189 19.03 4.54 34.87
CA ILE A 189 18.61 5.87 35.29
C ILE A 189 17.11 5.92 35.54
N GLY A 190 16.34 5.04 34.90
CA GLY A 190 14.92 4.93 35.21
C GLY A 190 13.96 5.11 34.05
N VAL A 191 14.46 5.14 32.81
CA VAL A 191 13.56 5.28 31.67
C VAL A 191 12.67 4.05 31.56
N ALA A 192 11.45 4.26 31.07
CA ALA A 192 10.44 3.22 31.00
C ALA A 192 10.50 2.43 29.69
N GLY A 193 11.21 2.92 28.69
CA GLY A 193 11.23 2.25 27.40
C GLY A 193 11.86 3.14 26.34
N PHE A 194 11.73 2.70 25.09
CA PHE A 194 12.46 3.31 24.00
C PHE A 194 11.60 3.36 22.74
N ARG A 195 11.72 4.48 22.02
CA ARG A 195 11.38 4.54 20.62
C ARG A 195 12.62 4.15 19.83
N LEU A 196 12.54 3.04 19.09
CA LEU A 196 13.67 2.58 18.29
C LEU A 196 13.62 3.27 16.93
N ASP A 197 14.47 4.27 16.76
CA ASP A 197 14.49 5.06 15.53
C ASP A 197 14.92 4.20 14.34
N ALA A 198 14.28 4.44 13.20
CA ALA A 198 14.60 3.78 11.94
C ALA A 198 14.66 2.26 12.09
N SER A 199 13.62 1.71 12.75
CA SER A 199 13.57 0.26 12.95
C SER A 199 13.41 -0.48 11.63
N LYS A 200 12.76 0.16 10.64
CA LYS A 200 12.65 -0.44 9.31
C LYS A 200 14.02 -0.71 8.72
N HIS A 201 15.05 0.00 9.17
CA HIS A 201 16.40 -0.10 8.61
C HIS A 201 17.30 -1.00 9.45
N MET A 202 16.74 -1.71 10.41
CA MET A 202 17.44 -2.72 11.18
C MET A 202 16.70 -4.05 11.00
N TRP A 203 17.45 -5.14 11.01
CA TRP A 203 16.81 -6.45 10.92
C TRP A 203 16.10 -6.76 12.23
N PRO A 204 14.91 -7.36 12.17
CA PRO A 204 14.21 -7.72 13.42
C PRO A 204 15.04 -8.60 14.34
N GLY A 205 15.83 -9.52 13.79
CA GLY A 205 16.68 -10.36 14.62
C GLY A 205 17.74 -9.56 15.36
N ASP A 206 18.37 -8.60 14.68
CA ASP A 206 19.34 -7.74 15.33
C ASP A 206 18.72 -6.97 16.48
N ILE A 207 17.50 -6.45 16.28
CA ILE A 207 16.79 -5.77 17.35
C ILE A 207 16.57 -6.71 18.53
N LYS A 208 16.05 -7.90 18.26
CA LYS A 208 15.84 -8.89 19.32
C LYS A 208 17.13 -9.20 20.06
N ALA A 209 18.23 -9.37 19.31
CA ALA A 209 19.52 -9.67 19.95
C ALA A 209 19.95 -8.54 20.88
N ILE A 210 19.69 -7.29 20.50
CA ILE A 210 20.03 -6.16 21.37
C ILE A 210 19.12 -6.15 22.59
N LEU A 211 17.81 -6.30 22.38
CA LEU A 211 16.85 -6.23 23.49
C LEU A 211 17.10 -7.31 24.53
N ASP A 212 17.55 -8.50 24.09
CA ASP A 212 17.84 -9.58 25.04
C ASP A 212 18.97 -9.23 26.00
N LYS A 213 19.78 -8.21 25.68
CA LYS A 213 20.83 -7.76 26.58
C LYS A 213 20.35 -6.75 27.61
N LEU A 214 19.09 -6.33 27.54
CA LEU A 214 18.61 -5.24 28.38
C LEU A 214 18.20 -5.74 29.76
N HIS A 215 18.42 -4.89 30.76
CA HIS A 215 18.01 -5.16 32.13
C HIS A 215 16.50 -5.00 32.27
N ASN A 216 15.98 -5.51 33.38
CA ASN A 216 14.65 -5.10 33.83
C ASN A 216 14.69 -3.65 34.26
N LEU A 217 13.51 -3.04 34.35
CA LEU A 217 13.42 -1.63 34.71
C LEU A 217 13.86 -1.40 36.15
N ASN A 218 14.26 -0.15 36.43
CA ASN A 218 14.74 0.23 37.75
C ASN A 218 13.66 -0.06 38.79
N SER A 219 14.01 -0.89 39.78
CA SER A 219 13.02 -1.35 40.75
C SER A 219 12.60 -0.27 41.75
N ASN A 220 13.25 0.90 41.74
CA ASN A 220 12.76 2.00 42.56
C ASN A 220 11.40 2.49 42.07
N TRP A 221 11.16 2.46 40.76
CA TRP A 221 9.92 2.95 40.18
C TRP A 221 9.07 1.89 39.50
N PHE A 222 9.59 0.68 39.29
CA PHE A 222 8.84 -0.32 38.56
C PHE A 222 8.84 -1.64 39.31
N PRO A 223 7.76 -2.42 39.18
CA PRO A 223 7.71 -3.74 39.83
C PRO A 223 8.79 -4.67 39.28
N ALA A 224 9.25 -5.58 40.13
CA ALA A 224 10.28 -6.54 39.74
C ALA A 224 9.83 -7.34 38.51
N GLY A 225 10.74 -7.49 37.56
CA GLY A 225 10.44 -8.20 36.33
C GLY A 225 9.83 -7.35 35.25
N SER A 226 9.73 -6.04 35.44
CA SER A 226 9.22 -5.15 34.40
C SER A 226 10.24 -5.01 33.28
N LYS A 227 9.75 -5.07 32.04
CA LYS A 227 10.57 -4.93 30.85
C LYS A 227 10.38 -3.56 30.22
N PRO A 228 11.38 -3.04 29.50
CA PRO A 228 11.25 -1.72 28.90
C PRO A 228 10.25 -1.73 27.74
N PHE A 229 9.37 -0.72 27.74
CA PHE A 229 8.42 -0.54 26.64
C PHE A 229 9.17 -0.29 25.34
N ILE A 230 8.87 -1.09 24.32
CA ILE A 230 9.54 -0.99 23.03
C ILE A 230 8.51 -0.70 21.96
N TYR A 231 8.63 0.46 21.33
CA TYR A 231 7.89 0.74 20.10
C TYR A 231 8.86 1.12 19.00
N GLN A 232 8.79 0.38 17.89
CA GLN A 232 9.77 0.46 16.81
C GLN A 232 9.21 1.32 15.69
N GLU A 233 9.98 2.31 15.25
CA GLU A 233 9.57 3.14 14.14
C GLU A 233 9.72 2.36 12.83
N VAL A 234 8.60 1.94 12.25
CA VAL A 234 8.58 1.22 10.98
C VAL A 234 7.52 1.84 10.10
N ILE A 235 7.95 2.51 9.03
CA ILE A 235 7.04 3.13 8.09
C ILE A 235 6.56 2.06 7.11
N ASP A 236 5.30 1.65 7.25
CA ASP A 236 4.73 0.59 6.43
C ASP A 236 3.30 0.98 6.06
N LEU A 237 3.12 1.54 4.87
CA LEU A 237 1.80 1.83 4.33
C LEU A 237 1.29 0.73 3.41
N GLY A 238 2.02 -0.38 3.31
CA GLY A 238 1.69 -1.46 2.40
C GLY A 238 2.44 -1.35 1.08
N GLY A 239 2.40 -2.45 0.33
CA GLY A 239 3.01 -2.48 -0.98
C GLY A 239 4.52 -2.50 -1.01
N GLU A 240 5.17 -2.70 0.13
CA GLU A 240 6.62 -2.84 0.19
C GLU A 240 6.98 -4.18 0.80
N PRO A 241 8.18 -4.70 0.50
CA PRO A 241 8.56 -6.01 1.06
C PRO A 241 8.65 -6.06 2.56
N ILE A 242 9.03 -4.95 3.22
CA ILE A 242 9.16 -4.94 4.67
C ILE A 242 7.79 -4.66 5.27
N LYS A 243 7.35 -5.56 6.15
CA LYS A 243 6.06 -5.45 6.82
C LYS A 243 6.29 -5.13 8.29
N SER A 244 5.49 -4.21 8.82
CA SER A 244 5.63 -3.86 10.23
C SER A 244 5.35 -5.05 11.15
N SER A 245 4.60 -6.05 10.68
CA SER A 245 4.39 -7.26 11.47
C SER A 245 5.66 -8.08 11.67
N ASP A 246 6.67 -7.87 10.83
CA ASP A 246 7.96 -8.55 11.03
C ASP A 246 8.60 -8.16 12.36
N TYR A 247 8.18 -7.05 12.97
CA TYR A 247 8.77 -6.56 14.19
C TYR A 247 7.91 -6.82 15.42
N PHE A 248 6.79 -7.52 15.28
CA PHE A 248 5.87 -7.73 16.39
C PHE A 248 6.53 -8.48 17.54
N GLY A 249 7.57 -9.28 17.26
CA GLY A 249 8.23 -10.02 18.32
C GLY A 249 9.13 -9.20 19.22
N ASN A 250 9.46 -7.97 18.82
CA ASN A 250 10.33 -7.12 19.62
C ASN A 250 9.59 -6.09 20.44
N GLY A 251 8.35 -5.79 20.10
CA GLY A 251 7.61 -4.71 20.74
C GLY A 251 6.53 -4.20 19.80
N ARG A 252 5.97 -3.04 20.17
CA ARG A 252 4.98 -2.40 19.32
C ARG A 252 5.66 -1.73 18.12
N VAL A 253 4.83 -1.34 17.16
CA VAL A 253 5.30 -0.66 15.96
C VAL A 253 4.49 0.62 15.76
N THR A 254 5.15 1.66 15.27
CA THR A 254 4.43 2.85 14.85
C THR A 254 3.52 2.52 13.69
N GLU A 255 2.24 2.86 13.82
CA GLU A 255 1.27 2.62 12.75
C GLU A 255 1.13 3.92 11.98
N PHE A 256 1.95 4.07 10.92
CA PHE A 256 1.88 5.28 10.12
C PHE A 256 0.65 5.31 9.23
N LYS A 257 -0.02 4.18 9.03
CA LYS A 257 -1.30 4.20 8.33
C LYS A 257 -2.33 5.00 9.10
N TYR A 258 -2.25 4.99 10.44
CA TYR A 258 -3.22 5.68 11.28
C TYR A 258 -3.36 7.14 10.89
N GLY A 259 -2.27 7.91 10.99
CA GLY A 259 -2.34 9.33 10.69
C GLY A 259 -2.55 9.61 9.22
N ALA A 260 -2.06 8.75 8.35
CA ALA A 260 -2.26 8.93 6.91
C ALA A 260 -3.73 8.81 6.55
N LYS A 261 -4.37 7.72 6.97
CA LYS A 261 -5.79 7.53 6.67
C LYS A 261 -6.65 8.56 7.38
N LEU A 262 -6.40 8.78 8.68
CA LEU A 262 -7.21 9.70 9.44
C LEU A 262 -7.15 11.11 8.87
N GLY A 263 -5.97 11.53 8.39
CA GLY A 263 -5.86 12.84 7.77
C GLY A 263 -6.68 12.96 6.49
N THR A 264 -6.58 11.96 5.63
CA THR A 264 -7.37 11.97 4.39
C THR A 264 -8.86 12.00 4.70
N VAL A 265 -9.30 11.22 5.71
CA VAL A 265 -10.72 11.18 6.06
C VAL A 265 -11.19 12.55 6.54
N ILE A 266 -10.39 13.21 7.38
CA ILE A 266 -10.85 14.44 8.01
C ILE A 266 -10.68 15.64 7.08
N ARG A 267 -9.69 15.59 6.18
CA ARG A 267 -9.63 16.58 5.11
C ARG A 267 -10.70 16.37 4.05
N LYS A 268 -11.45 15.26 4.12
CA LYS A 268 -12.44 14.91 3.09
C LYS A 268 -11.81 14.83 1.71
N TRP A 269 -10.60 14.28 1.65
CA TRP A 269 -9.92 14.01 0.38
C TRP A 269 -10.29 12.63 -0.13
N ASN A 270 -10.21 12.47 -1.45
CA ASN A 270 -10.35 11.16 -2.10
C ASN A 270 -11.70 10.51 -1.79
N GLY A 271 -12.75 11.32 -1.67
CA GLY A 271 -14.07 10.82 -1.37
C GLY A 271 -14.24 10.20 -0.01
N GLU A 272 -13.30 10.42 0.91
CA GLU A 272 -13.41 9.85 2.25
C GLU A 272 -14.36 10.65 3.11
N LYS A 273 -15.02 9.95 4.03
CA LYS A 273 -16.02 10.53 4.91
C LYS A 273 -15.85 9.97 6.31
N MET A 274 -16.22 10.76 7.32
CA MET A 274 -16.06 10.33 8.70
C MET A 274 -16.92 9.12 9.02
N SER A 275 -18.05 8.95 8.32
CA SER A 275 -18.91 7.79 8.56
C SER A 275 -18.19 6.48 8.28
N TYR A 276 -17.12 6.50 7.48
CA TYR A 276 -16.33 5.30 7.24
C TYR A 276 -15.50 4.89 8.45
N LEU A 277 -15.38 5.74 9.46
CA LEU A 277 -14.59 5.45 10.65
C LEU A 277 -15.29 4.51 11.62
N LYS A 278 -16.45 3.97 11.26
CA LYS A 278 -17.20 3.11 12.17
C LYS A 278 -16.40 1.86 12.56
N ASN A 279 -15.68 1.28 11.61
CA ASN A 279 -14.86 0.09 11.85
C ASN A 279 -13.39 0.42 12.05
N TRP A 280 -13.08 1.67 12.39
CA TRP A 280 -11.72 2.11 12.65
C TRP A 280 -11.00 1.15 13.59
N GLY A 281 -9.71 0.90 13.30
CA GLY A 281 -8.92 -0.04 14.05
C GLY A 281 -8.31 -1.09 13.13
N GLU A 282 -8.28 -2.35 13.60
CA GLU A 282 -7.86 -3.45 12.75
C GLU A 282 -8.70 -3.53 11.47
N GLY A 283 -9.97 -3.12 11.54
CA GLY A 283 -10.82 -3.18 10.36
C GLY A 283 -10.22 -2.51 9.14
N TRP A 284 -9.46 -1.42 9.35
CA TRP A 284 -8.85 -0.67 8.26
C TRP A 284 -7.55 -1.26 7.76
N GLY A 285 -7.20 -2.47 8.19
CA GLY A 285 -5.94 -3.06 7.80
C GLY A 285 -4.75 -2.62 8.62
N PHE A 286 -4.98 -2.12 9.83
CA PHE A 286 -3.92 -1.69 10.73
C PHE A 286 -3.41 -2.89 11.53
N VAL A 287 -2.26 -2.71 12.16
CA VAL A 287 -1.68 -3.75 13.01
C VAL A 287 -2.59 -4.00 14.19
N PRO A 288 -2.46 -5.13 14.89
CA PRO A 288 -3.28 -5.37 16.08
C PRO A 288 -3.12 -4.25 17.10
N SER A 289 -4.22 -3.93 17.78
CA SER A 289 -4.22 -2.83 18.75
C SER A 289 -3.10 -2.99 19.77
N ASP A 290 -2.85 -4.21 20.23
CA ASP A 290 -1.80 -4.45 21.21
C ASP A 290 -0.39 -4.31 20.62
N ARG A 291 -0.27 -4.13 19.31
CA ARG A 291 1.03 -3.89 18.68
C ARG A 291 1.19 -2.47 18.15
N ALA A 292 0.23 -1.59 18.41
CA ALA A 292 0.14 -0.31 17.71
C ALA A 292 0.53 0.84 18.62
N LEU A 293 1.45 1.66 18.13
CA LEU A 293 1.69 3.00 18.66
C LEU A 293 1.11 3.97 17.63
N VAL A 294 0.09 4.72 18.03
CA VAL A 294 -0.67 5.54 17.10
C VAL A 294 -0.46 7.02 17.42
N PHE A 295 -0.72 7.85 16.41
CA PHE A 295 -0.49 9.29 16.45
C PHE A 295 -1.06 9.91 15.19
N VAL A 296 -1.41 11.19 15.30
CA VAL A 296 -1.89 11.93 14.13
C VAL A 296 -0.73 12.37 13.26
N ASP A 297 0.26 13.02 13.86
CA ASP A 297 1.49 13.40 13.19
C ASP A 297 2.66 13.04 14.09
N ASN A 298 3.85 12.98 13.50
CA ASN A 298 5.08 12.83 14.26
C ASN A 298 6.02 13.99 13.91
N HIS A 299 7.21 13.99 14.54
CA HIS A 299 8.15 15.08 14.31
C HIS A 299 8.55 15.18 12.85
N ASP A 300 8.66 14.04 12.17
CA ASP A 300 9.09 14.05 10.77
C ASP A 300 7.96 14.46 9.83
N ASN A 301 6.86 13.68 9.81
CA ASN A 301 5.83 13.87 8.80
C ASN A 301 4.98 15.12 8.99
N GLN A 302 5.10 15.82 10.12
CA GLN A 302 4.39 17.08 10.27
C GLN A 302 4.94 18.18 9.37
N ARG A 303 6.09 17.96 8.74
CA ARG A 303 6.66 18.90 7.79
C ARG A 303 6.23 18.63 6.36
N GLY A 304 5.43 17.58 6.13
CA GLY A 304 4.70 17.41 4.90
C GLY A 304 5.26 16.37 3.95
N HIS A 305 6.50 15.94 4.12
CA HIS A 305 7.13 15.00 3.21
C HIS A 305 7.47 13.66 3.85
N GLY A 306 6.81 13.31 4.96
CA GLY A 306 7.01 12.03 5.60
C GLY A 306 6.02 10.99 5.10
N ALA A 307 5.88 9.93 5.89
CA ALA A 307 4.89 8.90 5.61
C ALA A 307 3.49 9.50 5.69
N GLY A 308 2.78 9.47 4.56
CA GLY A 308 1.46 10.08 4.47
C GLY A 308 1.42 11.40 3.73
N GLY A 309 2.58 12.02 3.49
CA GLY A 309 2.64 13.21 2.66
C GLY A 309 1.76 14.34 3.16
N ALA A 310 1.02 14.94 2.22
CA ALA A 310 0.21 16.12 2.50
C ALA A 310 -1.04 15.82 3.31
N SER A 311 -1.39 14.55 3.49
CA SER A 311 -2.61 14.23 4.24
C SER A 311 -2.44 14.39 5.74
N ILE A 312 -1.19 14.44 6.23
CA ILE A 312 -0.95 14.52 7.66
C ILE A 312 -1.44 15.85 8.20
N LEU A 313 -2.27 15.79 9.24
CA LEU A 313 -2.73 16.99 9.92
C LEU A 313 -1.75 17.39 11.01
N THR A 314 -1.52 18.70 11.13
CA THR A 314 -0.57 19.25 12.09
C THR A 314 -1.20 20.45 12.78
N PHE A 315 -0.44 21.06 13.70
CA PHE A 315 -0.93 22.25 14.38
C PHE A 315 -1.21 23.40 13.41
N TRP A 316 -0.54 23.40 12.25
CA TRP A 316 -0.82 24.41 11.22
C TRP A 316 -2.29 24.38 10.79
N ASP A 317 -2.93 23.21 10.85
CA ASP A 317 -4.36 23.07 10.58
C ASP A 317 -5.09 22.85 11.89
N ALA A 318 -5.01 23.84 12.79
CA ALA A 318 -5.33 23.62 14.19
C ALA A 318 -6.74 23.09 14.38
N ARG A 319 -7.72 23.64 13.66
CA ARG A 319 -9.11 23.22 13.85
C ARG A 319 -9.32 21.76 13.47
N LEU A 320 -8.90 21.38 12.25
CA LEU A 320 -9.02 20.00 11.82
C LEU A 320 -8.11 19.08 12.63
N TYR A 321 -6.95 19.59 13.05
CA TYR A 321 -6.02 18.79 13.83
C TYR A 321 -6.62 18.38 15.17
N LYS A 322 -7.28 19.32 15.84
CA LYS A 322 -7.88 19.01 17.14
C LYS A 322 -8.93 17.91 17.04
N MET A 323 -9.68 17.89 15.93
CA MET A 323 -10.69 16.85 15.74
C MET A 323 -10.06 15.47 15.56
N ALA A 324 -8.99 15.39 14.76
CA ALA A 324 -8.31 14.12 14.56
C ALA A 324 -7.74 13.59 15.85
N VAL A 325 -7.06 14.45 16.62
CA VAL A 325 -6.50 14.03 17.90
C VAL A 325 -7.61 13.61 18.86
N GLY A 326 -8.71 14.36 18.86
CA GLY A 326 -9.83 14.00 19.72
C GLY A 326 -10.40 12.63 19.38
N PHE A 327 -10.57 12.35 18.08
CA PHE A 327 -11.05 11.03 17.67
C PHE A 327 -10.07 9.94 18.07
N MET A 328 -8.77 10.16 17.79
CA MET A 328 -7.76 9.21 18.19
C MET A 328 -7.80 8.94 19.69
N LEU A 329 -7.87 10.00 20.49
CA LEU A 329 -7.87 9.82 21.94
C LEU A 329 -9.18 9.22 22.45
N ALA A 330 -10.26 9.40 21.70
CA ALA A 330 -11.54 8.78 22.09
C ALA A 330 -11.62 7.32 21.67
N HIS A 331 -11.00 6.94 20.56
CA HIS A 331 -11.13 5.59 20.06
C HIS A 331 -10.17 4.65 20.79
N PRO A 332 -10.62 3.42 21.11
CA PRO A 332 -9.78 2.52 21.92
C PRO A 332 -8.59 1.91 21.19
N TYR A 333 -8.46 2.10 19.88
CA TYR A 333 -7.40 1.41 19.15
C TYR A 333 -6.04 2.01 19.46
N GLY A 334 -5.07 1.15 19.78
CA GLY A 334 -3.68 1.54 19.86
C GLY A 334 -3.34 2.32 21.11
N PHE A 335 -2.03 2.49 21.33
CA PHE A 335 -1.51 3.38 22.35
C PHE A 335 -1.21 4.74 21.72
N THR A 336 -1.78 5.79 22.30
CA THR A 336 -1.80 7.10 21.66
C THR A 336 -0.60 7.93 22.10
N ARG A 337 0.06 8.56 21.14
CA ARG A 337 1.13 9.50 21.40
C ARG A 337 0.71 10.85 20.86
N VAL A 338 0.72 11.87 21.73
CA VAL A 338 0.36 13.23 21.34
C VAL A 338 1.61 13.97 20.91
N MET A 339 1.50 14.74 19.84
CA MET A 339 2.62 15.52 19.35
C MET A 339 2.63 16.88 20.03
N SER A 340 3.82 17.33 20.42
CA SER A 340 4.04 18.66 20.95
C SER A 340 5.19 19.26 20.17
N SER A 341 4.92 20.37 19.46
CA SER A 341 5.82 20.88 18.44
C SER A 341 6.29 22.29 18.80
N TYR A 342 7.19 22.82 17.97
CA TYR A 342 7.60 24.21 18.03
C TYR A 342 7.31 24.88 16.69
N ARG A 343 7.25 26.21 16.73
CA ARG A 343 6.97 26.99 15.52
C ARG A 343 8.25 27.21 14.73
N TRP A 344 8.11 27.30 13.41
CA TRP A 344 9.22 27.62 12.53
C TRP A 344 8.68 28.39 11.33
N PRO A 345 9.50 29.23 10.69
CA PRO A 345 9.00 30.03 9.57
C PRO A 345 8.73 29.21 8.32
N ARG A 346 7.60 28.52 8.30
CA ARG A 346 7.26 27.68 7.14
C ARG A 346 7.13 28.55 5.90
N GLN A 347 7.92 28.25 4.88
CA GLN A 347 7.98 29.04 3.65
C GLN A 347 7.87 28.10 2.47
N PHE A 348 6.70 28.09 1.83
CA PHE A 348 6.42 27.16 0.76
C PHE A 348 6.87 27.76 -0.56
N GLN A 349 7.55 26.96 -1.38
CA GLN A 349 7.73 27.23 -2.79
C GLN A 349 7.47 25.93 -3.53
N ASN A 350 6.49 25.97 -4.46
CA ASN A 350 6.04 24.79 -5.18
C ASN A 350 5.55 23.69 -4.23
N GLY A 351 4.82 24.11 -3.19
CA GLY A 351 4.29 23.18 -2.21
C GLY A 351 5.31 22.56 -1.29
N ASN A 352 6.56 23.01 -1.35
CA ASN A 352 7.64 22.48 -0.54
C ASN A 352 8.13 23.55 0.42
N ASP A 353 8.18 23.21 1.70
CA ASP A 353 8.69 24.15 2.71
C ASP A 353 10.20 24.07 2.72
N VAL A 354 10.86 25.17 2.34
CA VAL A 354 12.31 25.23 2.31
C VAL A 354 12.92 25.45 3.70
N ASN A 355 12.10 25.77 4.69
CA ASN A 355 12.55 25.96 6.07
C ASN A 355 12.17 24.80 6.98
N ASP A 356 11.79 23.65 6.42
CA ASP A 356 11.43 22.53 7.27
C ASP A 356 12.61 21.90 7.99
N TRP A 357 13.82 22.42 7.77
CA TRP A 357 15.00 21.99 8.52
C TRP A 357 15.15 22.72 9.83
N VAL A 358 14.43 23.84 10.04
CA VAL A 358 14.72 24.72 11.15
C VAL A 358 14.52 24.01 12.48
N GLY A 359 15.52 24.09 13.34
CA GLY A 359 15.49 23.45 14.64
C GLY A 359 14.66 24.21 15.63
N PRO A 360 14.73 23.81 16.90
CA PRO A 360 13.89 24.42 17.94
C PRO A 360 14.19 25.91 18.11
N PRO A 361 13.28 26.66 18.73
CA PRO A 361 13.56 28.07 18.99
C PRO A 361 14.83 28.23 19.82
N ASN A 362 15.70 29.12 19.37
CA ASN A 362 17.03 29.21 19.95
C ASN A 362 17.48 30.66 20.00
N ASN A 363 18.48 30.89 20.85
CA ASN A 363 19.25 32.13 20.87
C ASN A 363 20.67 31.73 20.49
N ASN A 364 21.04 31.99 19.24
CA ASN A 364 22.35 31.63 18.71
C ASN A 364 22.69 30.16 18.98
N GLY A 365 21.74 29.28 18.66
CA GLY A 365 21.93 27.85 18.80
C GLY A 365 21.58 27.28 20.15
N VAL A 366 21.36 28.12 21.16
CA VAL A 366 20.98 27.66 22.49
C VAL A 366 19.46 27.60 22.55
N ILE A 367 18.91 26.41 22.80
CA ILE A 367 17.47 26.22 22.77
C ILE A 367 16.83 27.09 23.85
N LYS A 368 15.78 27.82 23.45
CA LYS A 368 15.08 28.69 24.39
C LYS A 368 14.34 27.88 25.45
N GLU A 369 14.23 28.47 26.63
CA GLU A 369 13.38 27.94 27.68
C GLU A 369 11.93 27.91 27.22
N VAL A 370 11.16 26.96 27.75
CA VAL A 370 9.71 26.94 27.55
C VAL A 370 9.08 27.84 28.61
N THR A 371 8.48 28.93 28.18
CA THR A 371 7.77 29.84 29.06
C THR A 371 6.27 29.55 28.98
N ILE A 372 5.60 29.73 30.12
CA ILE A 372 4.16 29.45 30.23
C ILE A 372 3.43 30.77 30.39
N ASN A 373 2.44 31.00 29.52
CA ASN A 373 1.62 32.19 29.56
C ASN A 373 0.53 32.04 30.62
N PRO A 374 -0.06 33.15 31.08
CA PRO A 374 -1.14 33.03 32.08
C PRO A 374 -2.33 32.21 31.61
N ASP A 375 -2.55 32.12 30.30
CA ASP A 375 -3.64 31.31 29.76
C ASP A 375 -3.24 29.85 29.54
N THR A 376 -2.06 29.45 30.02
CA THR A 376 -1.51 28.09 29.99
C THR A 376 -0.93 27.68 28.64
N THR A 377 -0.99 28.55 27.62
CA THR A 377 -0.26 28.28 26.39
C THR A 377 1.23 28.54 26.60
N CYS A 378 2.02 28.28 25.56
CA CYS A 378 3.47 28.43 25.64
C CYS A 378 3.94 29.62 24.81
N GLY A 379 4.98 30.28 25.32
CA GLY A 379 5.71 31.28 24.55
C GLY A 379 6.98 30.71 23.97
N ASN A 380 7.85 31.61 23.51
CA ASN A 380 9.14 31.24 22.92
C ASN A 380 8.98 30.32 21.72
N ASP A 381 7.87 30.45 20.98
CA ASP A 381 7.58 29.69 19.76
C ASP A 381 7.36 28.20 20.00
N TRP A 382 7.10 27.79 21.23
CA TRP A 382 6.69 26.42 21.51
C TRP A 382 5.18 26.33 21.32
N VAL A 383 4.73 25.34 20.55
CA VAL A 383 3.31 25.23 20.24
C VAL A 383 2.54 24.64 21.41
N CYS A 384 3.09 23.61 22.04
CA CYS A 384 2.46 22.94 23.18
C CYS A 384 1.02 22.53 22.86
N GLU A 385 0.88 21.74 21.79
CA GLU A 385 -0.42 21.17 21.48
C GLU A 385 -0.96 20.35 22.64
N HIS A 386 -0.08 19.75 23.44
CA HIS A 386 -0.53 18.95 24.58
C HIS A 386 -1.18 19.79 25.66
N ARG A 387 -0.96 21.10 25.64
CA ARG A 387 -1.59 22.01 26.59
C ARG A 387 -2.86 22.66 26.06
N TRP A 388 -3.16 22.49 24.76
CA TRP A 388 -4.44 22.94 24.24
C TRP A 388 -5.56 22.26 25.01
N ARG A 389 -6.52 23.08 25.49
CA ARG A 389 -7.67 22.55 26.22
C ARG A 389 -8.35 21.43 25.47
N GLN A 390 -8.52 21.57 24.15
CA GLN A 390 -9.23 20.55 23.37
C GLN A 390 -8.46 19.23 23.37
N ILE A 391 -7.13 19.27 23.36
CA ILE A 391 -6.32 18.06 23.33
C ILE A 391 -6.06 17.52 24.73
N ARG A 392 -5.69 18.40 25.67
CA ARG A 392 -5.42 17.97 27.04
C ARG A 392 -6.63 17.28 27.65
N ASN A 393 -7.82 17.88 27.49
CA ASN A 393 -9.03 17.27 28.03
C ASN A 393 -9.33 15.92 27.39
N MET A 394 -8.95 15.73 26.12
CA MET A 394 -9.15 14.43 25.48
C MET A 394 -8.14 13.40 25.96
N VAL A 395 -6.93 13.83 26.30
CA VAL A 395 -6.00 12.94 27.01
C VAL A 395 -6.62 12.43 28.29
N ILE A 396 -7.33 13.31 29.02
CA ILE A 396 -8.03 12.90 30.24
C ILE A 396 -9.21 12.03 29.90
N PHE A 397 -9.97 12.40 28.85
CA PHE A 397 -11.07 11.58 28.36
C PHE A 397 -10.63 10.12 28.19
N ARG A 398 -9.47 9.91 27.58
CA ARG A 398 -8.99 8.57 27.32
C ARG A 398 -8.69 7.82 28.62
N ASN A 399 -8.18 8.54 29.62
CA ASN A 399 -7.97 7.92 30.94
C ASN A 399 -9.29 7.51 31.56
N VAL A 400 -10.30 8.39 31.50
CA VAL A 400 -11.58 8.12 32.15
C VAL A 400 -12.27 6.93 31.50
N VAL A 401 -12.17 6.79 30.18
CA VAL A 401 -12.89 5.76 29.45
C VAL A 401 -12.04 4.52 29.21
N ASP A 402 -10.86 4.45 29.84
CA ASP A 402 -9.94 3.34 29.63
C ASP A 402 -10.63 2.00 29.92
N GLY A 403 -10.46 1.05 29.00
CA GLY A 403 -11.03 -0.27 29.14
C GLY A 403 -12.46 -0.40 28.69
N GLN A 404 -13.17 0.69 28.48
CA GLN A 404 -14.58 0.62 28.10
C GLN A 404 -14.70 0.35 26.60
N PRO A 405 -15.65 -0.48 26.20
CA PRO A 405 -15.76 -0.83 24.78
C PRO A 405 -16.33 0.29 23.93
N PHE A 406 -15.84 0.35 22.70
CA PHE A 406 -16.43 1.17 21.64
C PHE A 406 -17.86 0.72 21.39
N THR A 407 -18.82 1.64 21.50
CA THR A 407 -20.22 1.30 21.35
C THR A 407 -21.03 2.56 21.02
N ASN A 408 -22.31 2.34 20.71
CA ASN A 408 -23.27 3.43 20.46
C ASN A 408 -22.87 4.31 19.28
N TRP A 409 -22.27 3.70 18.25
CA TRP A 409 -21.87 4.46 17.07
C TRP A 409 -23.10 5.04 16.37
N TYR A 410 -22.94 6.26 15.86
CA TYR A 410 -23.93 6.88 15.00
C TYR A 410 -23.20 7.58 13.86
N ASP A 411 -23.84 7.58 12.69
CA ASP A 411 -23.37 8.42 11.59
C ASP A 411 -24.56 8.80 10.72
N ASN A 412 -24.39 9.88 9.96
CA ASN A 412 -25.40 10.37 9.04
C ASN A 412 -25.13 9.96 7.60
N GLY A 413 -24.21 9.02 7.37
CA GLY A 413 -23.78 8.70 6.04
C GLY A 413 -22.85 9.71 5.40
N SER A 414 -22.51 10.79 6.11
CA SER A 414 -21.58 11.77 5.59
C SER A 414 -20.43 11.98 6.56
N ASN A 415 -20.41 13.13 7.25
CA ASN A 415 -19.31 13.45 8.16
C ASN A 415 -19.76 13.77 9.58
N GLN A 416 -21.02 13.54 9.92
CA GLN A 416 -21.54 13.74 11.27
C GLN A 416 -21.61 12.37 11.94
N VAL A 417 -20.71 12.13 12.89
CA VAL A 417 -20.58 10.83 13.54
C VAL A 417 -20.47 11.01 15.04
N ALA A 418 -20.80 9.94 15.77
CA ALA A 418 -20.63 9.94 17.21
C ALA A 418 -20.46 8.50 17.68
N PHE A 419 -19.84 8.34 18.84
CA PHE A 419 -19.75 7.04 19.49
C PHE A 419 -19.50 7.25 20.97
N GLY A 420 -19.63 6.15 21.73
CA GLY A 420 -19.40 6.17 23.15
C GLY A 420 -18.38 5.12 23.55
N ARG A 421 -17.91 5.23 24.79
CA ARG A 421 -16.97 4.28 25.37
C ARG A 421 -17.62 3.66 26.60
N GLY A 422 -18.25 2.50 26.43
CA GLY A 422 -19.00 1.91 27.53
C GLY A 422 -20.01 2.89 28.10
N ASN A 423 -20.06 2.99 29.42
CA ASN A 423 -20.90 3.96 30.10
C ASN A 423 -20.11 5.16 30.64
N ARG A 424 -18.85 5.30 30.23
CA ARG A 424 -17.94 6.30 30.78
C ARG A 424 -17.74 7.54 29.92
N GLY A 425 -18.10 7.51 28.64
CA GLY A 425 -17.82 8.65 27.79
C GLY A 425 -18.55 8.57 26.48
N PHE A 426 -18.76 9.75 25.88
CA PHE A 426 -19.40 9.89 24.59
C PHE A 426 -18.80 11.09 23.88
N ILE A 427 -18.69 10.99 22.55
CA ILE A 427 -18.06 12.03 21.73
C ILE A 427 -18.82 12.14 20.41
N VAL A 428 -19.01 13.38 19.95
CA VAL A 428 -19.83 13.69 18.78
C VAL A 428 -19.01 14.59 17.86
N PHE A 429 -19.01 14.29 16.56
CA PHE A 429 -18.23 15.01 15.57
C PHE A 429 -19.14 15.54 14.46
N ASN A 430 -18.93 16.80 14.07
CA ASN A 430 -19.59 17.40 12.91
C ASN A 430 -18.54 17.95 11.96
N ASN A 431 -18.22 17.19 10.90
CA ASN A 431 -17.32 17.67 9.86
C ASN A 431 -18.03 17.94 8.54
N ASP A 432 -19.35 18.00 8.55
CA ASP A 432 -20.12 18.43 7.39
C ASP A 432 -20.32 19.94 7.41
N ASP A 433 -20.63 20.50 6.25
CA ASP A 433 -20.82 21.94 6.09
C ASP A 433 -22.21 22.42 6.48
N TRP A 434 -22.92 21.68 7.33
CA TRP A 434 -24.20 22.14 7.88
C TRP A 434 -24.25 21.78 9.36
N SER A 435 -25.35 22.17 10.02
CA SER A 435 -25.47 21.98 11.45
C SER A 435 -25.80 20.54 11.81
N PHE A 436 -25.34 20.13 12.99
CA PHE A 436 -25.61 18.83 13.58
C PHE A 436 -26.51 19.11 14.78
N SER A 437 -27.81 18.86 14.62
CA SER A 437 -28.79 19.05 15.70
C SER A 437 -29.60 17.76 15.82
N LEU A 438 -29.34 16.98 16.86
CA LEU A 438 -29.95 15.67 16.97
C LEU A 438 -29.84 15.18 18.41
N THR A 439 -30.75 14.28 18.77
CA THR A 439 -30.73 13.61 20.07
C THR A 439 -30.16 12.21 19.89
N LEU A 440 -29.13 11.89 20.68
CA LEU A 440 -28.35 10.68 20.48
C LEU A 440 -28.31 9.88 21.77
N GLN A 441 -28.26 8.55 21.63
CA GLN A 441 -28.02 7.69 22.78
C GLN A 441 -26.54 7.78 23.17
N THR A 442 -26.28 8.29 24.36
CA THR A 442 -24.90 8.41 24.84
C THR A 442 -24.43 7.22 25.66
N GLY A 443 -25.35 6.43 26.21
CA GLY A 443 -24.97 5.37 27.11
C GLY A 443 -24.46 5.83 28.46
N LEU A 444 -24.59 7.12 28.77
CA LEU A 444 -24.08 7.72 29.99
C LEU A 444 -25.17 7.79 31.05
N PRO A 445 -24.79 7.81 32.33
CA PRO A 445 -25.78 8.08 33.37
C PRO A 445 -26.38 9.45 33.20
N ALA A 446 -27.66 9.58 33.54
CA ALA A 446 -28.34 10.87 33.49
C ALA A 446 -27.59 11.90 34.31
N GLY A 447 -27.53 13.12 33.80
CA GLY A 447 -26.85 14.21 34.49
C GLY A 447 -26.50 15.33 33.54
N THR A 448 -25.84 16.33 34.10
CA THR A 448 -25.35 17.48 33.33
C THR A 448 -23.85 17.31 33.17
N TYR A 449 -23.40 17.25 31.92
CA TYR A 449 -22.01 16.98 31.60
C TYR A 449 -21.38 18.21 30.98
N CYS A 450 -20.18 18.56 31.45
CA CYS A 450 -19.41 19.65 30.86
C CYS A 450 -18.76 19.14 29.58
N ASP A 451 -18.95 19.86 28.49
CA ASP A 451 -18.21 19.55 27.27
C ASP A 451 -16.76 19.94 27.46
N VAL A 452 -15.86 18.94 27.45
CA VAL A 452 -14.46 19.21 27.72
C VAL A 452 -13.72 19.74 26.51
N ILE A 453 -14.38 19.87 25.37
CA ILE A 453 -13.77 20.47 24.19
C ILE A 453 -13.92 21.99 24.20
N SER A 454 -15.13 22.48 24.48
CA SER A 454 -15.38 23.92 24.55
C SER A 454 -15.10 24.51 25.92
N GLY A 455 -14.90 23.69 26.95
CA GLY A 455 -14.68 24.23 28.27
C GLY A 455 -14.19 23.17 29.24
N ASP A 456 -14.39 23.46 30.53
CA ASP A 456 -13.88 22.63 31.62
C ASP A 456 -14.92 22.53 32.72
N LYS A 457 -14.79 21.50 33.54
CA LYS A 457 -15.54 21.41 34.79
C LYS A 457 -14.69 22.04 35.89
N ILE A 458 -15.15 23.19 36.40
CA ILE A 458 -14.41 23.93 37.42
C ILE A 458 -15.40 24.37 38.49
N ASN A 459 -15.16 23.93 39.73
CA ASN A 459 -16.00 24.27 40.88
C ASN A 459 -17.48 23.93 40.64
N GLY A 460 -17.71 22.67 40.27
CA GLY A 460 -19.08 22.20 40.05
C GLY A 460 -19.85 22.97 39.03
N ASN A 461 -19.18 23.53 38.02
CA ASN A 461 -19.88 24.16 36.90
C ASN A 461 -19.00 24.08 35.66
N CYS A 462 -19.62 24.30 34.50
CA CYS A 462 -18.94 24.21 33.22
C CYS A 462 -18.65 25.60 32.67
N THR A 463 -17.45 25.77 32.13
CA THR A 463 -17.08 27.00 31.45
C THR A 463 -17.46 26.99 29.97
N GLY A 464 -17.78 25.83 29.41
CA GLY A 464 -18.20 25.74 28.03
C GLY A 464 -19.61 25.18 27.86
N ILE A 465 -19.85 24.51 26.74
CA ILE A 465 -21.17 23.94 26.48
C ILE A 465 -21.53 22.93 27.57
N LYS A 466 -22.83 22.81 27.84
CA LYS A 466 -23.35 21.83 28.78
C LYS A 466 -24.24 20.85 28.03
N ILE A 467 -24.04 19.56 28.27
CA ILE A 467 -24.85 18.50 27.68
C ILE A 467 -25.72 17.92 28.77
N TYR A 468 -26.99 17.69 28.44
CA TYR A 468 -27.99 17.22 29.40
C TYR A 468 -28.43 15.83 28.99
N VAL A 469 -28.00 14.82 29.73
CA VAL A 469 -28.34 13.44 29.48
C VAL A 469 -29.55 13.08 30.34
N SER A 470 -30.56 12.48 29.73
CA SER A 470 -31.78 12.10 30.40
C SER A 470 -31.63 10.71 31.04
N ASP A 471 -32.71 10.23 31.66
CA ASP A 471 -32.69 8.94 32.32
C ASP A 471 -32.49 7.80 31.33
N ASP A 472 -32.96 7.97 30.10
CA ASP A 472 -32.79 6.95 29.07
C ASP A 472 -31.39 6.97 28.45
N GLY A 473 -30.48 7.82 28.96
CA GLY A 473 -29.17 7.98 28.39
C GLY A 473 -29.12 8.90 27.18
N LYS A 474 -30.26 9.33 26.66
CA LYS A 474 -30.28 10.19 25.50
C LYS A 474 -29.92 11.62 25.87
N ALA A 475 -29.30 12.33 24.93
CA ALA A 475 -28.96 13.72 25.10
C ALA A 475 -28.99 14.39 23.74
N HIS A 476 -29.40 15.65 23.72
CA HIS A 476 -29.44 16.42 22.48
C HIS A 476 -28.12 17.13 22.29
N PHE A 477 -27.60 17.07 21.06
CA PHE A 477 -26.36 17.72 20.67
C PHE A 477 -26.64 18.67 19.52
N SER A 478 -26.09 19.88 19.60
CA SER A 478 -26.29 20.92 18.60
C SER A 478 -24.94 21.54 18.28
N ILE A 479 -24.38 21.21 17.12
CA ILE A 479 -23.04 21.65 16.73
C ILE A 479 -23.14 22.36 15.39
N SER A 480 -22.93 23.67 15.39
CA SER A 480 -22.83 24.41 14.14
C SER A 480 -21.54 24.04 13.40
N ASN A 481 -21.60 24.05 12.07
CA ASN A 481 -20.39 23.90 11.28
C ASN A 481 -19.48 25.12 11.36
N SER A 482 -19.95 26.23 11.92
CA SER A 482 -19.13 27.40 12.19
C SER A 482 -18.54 27.37 13.59
N ALA A 483 -18.84 26.35 14.38
CA ALA A 483 -18.30 26.24 15.73
C ALA A 483 -16.78 26.23 15.70
N GLU A 484 -16.18 26.84 16.73
CA GLU A 484 -14.71 26.86 16.84
C GLU A 484 -14.15 25.45 16.78
N ASP A 485 -14.66 24.56 17.61
CA ASP A 485 -14.37 23.13 17.52
C ASP A 485 -15.68 22.42 17.21
N PRO A 486 -15.84 21.85 16.01
CA PRO A 486 -17.13 21.24 15.67
C PRO A 486 -17.26 19.83 16.22
N PHE A 487 -16.86 19.63 17.48
CA PHE A 487 -17.04 18.35 18.13
C PHE A 487 -17.16 18.55 19.63
N ILE A 488 -17.88 17.63 20.28
CA ILE A 488 -18.19 17.72 21.70
C ILE A 488 -17.84 16.38 22.33
N ALA A 489 -17.17 16.44 23.48
CA ALA A 489 -16.79 15.24 24.22
C ALA A 489 -17.18 15.41 25.67
N ILE A 490 -17.91 14.43 26.21
CA ILE A 490 -18.29 14.37 27.61
C ILE A 490 -17.93 13.00 28.17
N HIS A 491 -17.62 12.97 29.46
CA HIS A 491 -17.21 11.73 30.12
C HIS A 491 -17.65 11.76 31.58
N ALA A 492 -17.38 10.66 32.29
CA ALA A 492 -17.88 10.50 33.66
C ALA A 492 -17.36 11.58 34.59
N GLU A 493 -16.13 12.04 34.39
CA GLU A 493 -15.54 13.05 35.27
C GLU A 493 -15.85 14.47 34.84
N SER A 494 -16.61 14.67 33.76
CA SER A 494 -17.13 15.99 33.42
C SER A 494 -18.58 16.16 33.82
N LYS A 495 -19.16 15.16 34.47
CA LYS A 495 -20.52 15.25 35.01
C LYS A 495 -20.51 16.12 36.26
N LEU A 496 -21.45 17.06 36.34
CA LEU A 496 -21.58 17.90 37.52
C LEU A 496 -22.21 17.12 38.68
N TYR B 2 -3.94 -24.59 -9.36
CA TYR B 2 -2.77 -23.73 -9.53
C TYR B 2 -2.08 -23.91 -10.88
N SER B 3 -2.22 -25.11 -11.45
CA SER B 3 -1.60 -25.39 -12.74
C SER B 3 -2.44 -24.80 -13.86
N PRO B 4 -1.83 -24.10 -14.82
CA PRO B 4 -2.60 -23.57 -15.96
C PRO B 4 -3.17 -24.63 -16.88
N ASN B 5 -2.71 -25.88 -16.78
CA ASN B 5 -3.15 -26.96 -17.66
C ASN B 5 -2.81 -26.71 -19.13
N THR B 6 -1.76 -25.95 -19.39
CA THR B 6 -1.31 -25.74 -20.76
C THR B 6 -0.59 -26.98 -21.26
N GLN B 7 -0.37 -27.04 -22.58
CA GLN B 7 0.46 -28.09 -23.12
C GLN B 7 1.89 -27.84 -22.67
N GLN B 8 2.62 -28.92 -22.42
CA GLN B 8 3.99 -28.79 -21.94
C GLN B 8 4.81 -27.92 -22.89
N GLY B 9 5.51 -26.93 -22.32
CA GLY B 9 6.29 -26.01 -23.10
C GLY B 9 5.53 -24.83 -23.66
N ARG B 10 4.29 -24.60 -23.21
CA ARG B 10 3.53 -23.40 -23.53
C ARG B 10 3.26 -22.67 -22.23
N THR B 11 3.83 -21.48 -22.08
CA THR B 11 3.95 -20.83 -20.77
C THR B 11 3.16 -19.54 -20.62
N SER B 12 2.32 -19.17 -21.60
CA SER B 12 1.58 -17.91 -21.51
C SER B 12 0.17 -18.08 -22.04
N ILE B 13 -0.74 -17.26 -21.53
CA ILE B 13 -2.06 -17.09 -22.10
C ILE B 13 -2.22 -15.66 -22.59
N VAL B 14 -3.15 -15.47 -23.51
CA VAL B 14 -3.42 -14.16 -24.09
C VAL B 14 -4.89 -13.82 -23.87
N HIS B 15 -5.16 -12.58 -23.48
CA HIS B 15 -6.53 -12.12 -23.26
C HIS B 15 -7.04 -11.54 -24.58
N LEU B 16 -7.86 -12.30 -25.28
CA LEU B 16 -8.49 -11.82 -26.52
C LEU B 16 -9.75 -11.09 -26.09
N PHE B 17 -9.59 -9.79 -25.85
CA PHE B 17 -10.60 -8.98 -25.18
C PHE B 17 -11.71 -8.62 -26.15
N GLU B 18 -12.92 -9.10 -25.88
CA GLU B 18 -14.12 -8.85 -26.67
C GLU B 18 -14.11 -9.50 -28.05
N TRP B 19 -13.23 -10.47 -28.28
CA TRP B 19 -13.21 -11.19 -29.55
C TRP B 19 -14.42 -12.11 -29.66
N ARG B 20 -14.91 -12.29 -30.88
CA ARG B 20 -15.96 -13.26 -31.13
C ARG B 20 -15.39 -14.67 -31.16
N TRP B 21 -16.25 -15.65 -30.85
CA TRP B 21 -15.79 -17.03 -30.73
C TRP B 21 -15.18 -17.54 -32.02
N VAL B 22 -15.78 -17.19 -33.17
CA VAL B 22 -15.26 -17.68 -34.45
C VAL B 22 -13.90 -17.07 -34.75
N ASP B 23 -13.71 -15.79 -34.44
CA ASP B 23 -12.41 -15.17 -34.64
C ASP B 23 -11.35 -15.82 -33.76
N ILE B 24 -11.70 -16.15 -32.51
CA ILE B 24 -10.75 -16.83 -31.63
C ILE B 24 -10.42 -18.21 -32.17
N ALA B 25 -11.44 -18.94 -32.65
CA ALA B 25 -11.22 -20.29 -33.16
C ALA B 25 -10.24 -20.28 -34.33
N LEU B 26 -10.41 -19.35 -35.27
CA LEU B 26 -9.44 -19.23 -36.35
C LEU B 26 -8.07 -18.85 -35.81
N GLU B 27 -8.03 -17.95 -34.82
CA GLU B 27 -6.76 -17.48 -34.28
C GLU B 27 -5.98 -18.60 -33.60
N CYS B 28 -6.68 -19.49 -32.90
CA CYS B 28 -6.02 -20.67 -32.33
C CYS B 28 -5.31 -21.47 -33.42
N GLU B 29 -6.01 -21.78 -34.51
CA GLU B 29 -5.47 -22.64 -35.54
C GLU B 29 -4.40 -21.93 -36.37
N ARG B 30 -4.68 -20.70 -36.78
CA ARG B 30 -3.82 -20.00 -37.73
C ARG B 30 -2.60 -19.34 -37.08
N TYR B 31 -2.67 -19.02 -35.79
CA TYR B 31 -1.59 -18.24 -35.18
C TYR B 31 -1.15 -18.77 -33.82
N LEU B 32 -2.09 -18.90 -32.88
CA LEU B 32 -1.74 -19.21 -31.49
C LEU B 32 -1.08 -20.57 -31.37
N ALA B 33 -1.58 -21.56 -32.10
CA ALA B 33 -0.95 -22.89 -32.05
C ALA B 33 0.46 -22.90 -32.63
N PRO B 34 0.70 -22.46 -33.87
CA PRO B 34 2.09 -22.47 -34.36
C PRO B 34 3.03 -21.57 -33.58
N LYS B 35 2.54 -20.47 -33.02
CA LYS B 35 3.39 -19.51 -32.32
C LYS B 35 3.58 -19.83 -30.84
N GLY B 36 3.04 -20.94 -30.35
CA GLY B 36 3.37 -21.41 -29.02
C GLY B 36 2.57 -20.84 -27.86
N PHE B 37 1.48 -20.12 -28.14
CA PHE B 37 0.63 -19.61 -27.06
C PHE B 37 -0.05 -20.75 -26.32
N GLY B 38 -0.18 -20.61 -25.01
CA GLY B 38 -0.71 -21.67 -24.16
C GLY B 38 -2.21 -21.70 -24.05
N GLY B 39 -2.85 -20.53 -24.15
CA GLY B 39 -4.30 -20.48 -24.01
C GLY B 39 -4.80 -19.09 -24.23
N VAL B 40 -6.12 -18.95 -24.09
CA VAL B 40 -6.83 -17.70 -24.35
C VAL B 40 -7.80 -17.46 -23.20
N GLN B 41 -7.78 -16.25 -22.67
CA GLN B 41 -8.82 -15.80 -21.74
C GLN B 41 -9.89 -15.07 -22.55
N VAL B 42 -11.10 -15.58 -22.49
CA VAL B 42 -12.21 -15.05 -23.28
C VAL B 42 -13.02 -14.10 -22.42
N SER B 43 -13.64 -13.11 -23.06
CA SER B 43 -14.61 -12.28 -22.39
C SER B 43 -15.76 -13.14 -21.88
N PRO B 44 -16.50 -12.67 -20.86
CA PRO B 44 -17.55 -13.49 -20.25
C PRO B 44 -18.51 -14.04 -21.29
N PRO B 45 -18.63 -15.36 -21.39
CA PRO B 45 -19.45 -15.99 -22.44
C PRO B 45 -20.93 -16.05 -22.14
N ASN B 46 -21.38 -15.56 -20.98
CA ASN B 46 -22.76 -15.70 -20.56
C ASN B 46 -23.54 -14.43 -20.89
N GLU B 47 -24.85 -14.58 -21.04
CA GLU B 47 -25.72 -13.48 -21.42
C GLU B 47 -25.61 -12.32 -20.42
N ASN B 48 -25.53 -11.10 -20.95
CA ASN B 48 -25.39 -9.90 -20.15
C ASN B 48 -26.43 -8.88 -20.60
N VAL B 49 -26.53 -7.78 -19.84
CA VAL B 49 -27.42 -6.69 -20.22
C VAL B 49 -26.90 -6.01 -21.48
N ALA B 50 -27.79 -5.75 -22.42
CA ALA B 50 -27.48 -4.91 -23.56
C ALA B 50 -27.75 -3.46 -23.14
N ILE B 51 -26.68 -2.70 -22.94
CA ILE B 51 -26.77 -1.33 -22.47
C ILE B 51 -26.59 -0.42 -23.68
N TYR B 52 -27.57 0.46 -23.90
CA TYR B 52 -27.53 1.36 -25.03
C TYR B 52 -27.17 2.80 -24.65
N ASN B 53 -27.14 3.12 -23.37
CA ASN B 53 -26.68 4.43 -22.94
C ASN B 53 -25.66 4.29 -21.80
N PRO B 54 -24.36 4.35 -22.13
CA PRO B 54 -23.80 4.60 -23.47
C PRO B 54 -23.89 3.36 -24.37
N PHE B 55 -23.54 3.51 -25.65
CA PHE B 55 -23.86 2.51 -26.66
C PHE B 55 -22.93 1.31 -26.54
N ARG B 56 -23.48 0.18 -26.08
CA ARG B 56 -22.81 -1.11 -25.95
C ARG B 56 -21.41 -0.95 -25.35
N PRO B 57 -21.30 -0.53 -24.08
CA PRO B 57 -19.98 -0.40 -23.48
C PRO B 57 -19.39 -1.78 -23.22
N TRP B 58 -18.07 -1.82 -23.16
CA TRP B 58 -17.40 -3.09 -22.86
C TRP B 58 -17.85 -3.66 -21.51
N TRP B 59 -18.12 -2.80 -20.54
CA TRP B 59 -18.45 -3.27 -19.19
C TRP B 59 -19.88 -3.75 -19.05
N GLU B 60 -20.70 -3.67 -20.10
CA GLU B 60 -22.01 -4.31 -20.04
C GLU B 60 -21.91 -5.81 -19.86
N ARG B 61 -20.78 -6.42 -20.27
CA ARG B 61 -20.60 -7.86 -20.18
C ARG B 61 -20.24 -8.32 -18.77
N TYR B 62 -20.04 -7.40 -17.84
CA TYR B 62 -19.87 -7.73 -16.43
C TYR B 62 -21.15 -7.55 -15.64
N GLN B 63 -22.29 -7.53 -16.33
CA GLN B 63 -23.61 -7.41 -15.72
C GLN B 63 -24.46 -8.57 -16.24
N PRO B 64 -24.31 -9.76 -15.65
CA PRO B 64 -25.00 -10.94 -16.21
C PRO B 64 -26.51 -10.84 -16.09
N VAL B 65 -27.18 -11.28 -17.16
CA VAL B 65 -28.62 -11.54 -17.13
C VAL B 65 -28.92 -13.00 -16.84
N SER B 66 -28.14 -13.91 -17.42
CA SER B 66 -28.33 -15.34 -17.19
C SER B 66 -27.03 -16.05 -17.49
N TYR B 67 -27.06 -17.38 -17.38
CA TYR B 67 -25.91 -18.21 -17.69
C TYR B 67 -26.00 -18.86 -19.07
N LYS B 68 -26.92 -18.40 -19.91
CA LYS B 68 -26.94 -18.85 -21.30
C LYS B 68 -25.68 -18.37 -22.00
N LEU B 69 -25.08 -19.24 -22.81
CA LEU B 69 -23.88 -18.90 -23.57
C LEU B 69 -24.32 -18.19 -24.84
N CYS B 70 -24.66 -16.90 -24.68
CA CYS B 70 -25.30 -16.15 -25.75
C CYS B 70 -24.92 -14.69 -25.54
N THR B 71 -23.95 -14.21 -26.32
CA THR B 71 -23.39 -12.86 -26.17
C THR B 71 -23.12 -12.29 -27.54
N ARG B 72 -22.65 -11.03 -27.56
CA ARG B 72 -22.16 -10.43 -28.78
C ARG B 72 -20.97 -11.18 -29.36
N SER B 73 -20.37 -12.11 -28.61
CA SER B 73 -19.28 -12.93 -29.11
C SER B 73 -19.74 -14.19 -29.81
N GLY B 74 -20.96 -14.63 -29.58
CA GLY B 74 -21.49 -15.79 -30.27
C GLY B 74 -22.41 -16.58 -29.36
N ASN B 75 -23.01 -17.63 -29.96
CA ASN B 75 -23.94 -18.51 -29.26
C ASN B 75 -23.18 -19.72 -28.71
N GLU B 76 -23.94 -20.68 -28.14
CA GLU B 76 -23.30 -21.82 -27.50
C GLU B 76 -22.61 -22.73 -28.50
N ASP B 77 -23.21 -22.92 -29.68
CA ASP B 77 -22.56 -23.72 -30.72
C ASP B 77 -21.23 -23.11 -31.11
N GLU B 78 -21.20 -21.80 -31.34
CA GLU B 78 -19.96 -21.11 -31.66
C GLU B 78 -18.96 -21.22 -30.51
N PHE B 79 -19.44 -21.17 -29.26
CA PHE B 79 -18.55 -21.33 -28.12
C PHE B 79 -17.95 -22.73 -28.10
N ARG B 80 -18.81 -23.77 -28.22
CA ARG B 80 -18.31 -25.13 -28.31
C ARG B 80 -17.31 -25.28 -29.44
N ASN B 81 -17.61 -24.67 -30.59
CA ASN B 81 -16.73 -24.80 -31.75
C ASN B 81 -15.37 -24.17 -31.47
N MET B 82 -15.36 -23.00 -30.81
CA MET B 82 -14.11 -22.36 -30.45
C MET B 82 -13.28 -23.19 -29.48
N VAL B 83 -13.93 -23.71 -28.44
CA VAL B 83 -13.20 -24.45 -27.42
C VAL B 83 -12.64 -25.75 -27.98
N THR B 84 -13.44 -26.47 -28.76
CA THR B 84 -12.98 -27.73 -29.36
C THR B 84 -11.81 -27.48 -30.31
N ARG B 85 -11.98 -26.55 -31.25
CA ARG B 85 -10.93 -26.30 -32.23
C ARG B 85 -9.64 -25.81 -31.57
N CYS B 86 -9.76 -25.03 -30.50
CA CYS B 86 -8.57 -24.56 -29.80
C CYS B 86 -7.88 -25.70 -29.07
N ASN B 87 -8.64 -26.50 -28.33
CA ASN B 87 -8.07 -27.66 -27.64
C ASN B 87 -7.42 -28.62 -28.64
N ASN B 88 -8.00 -28.75 -29.83
CA ASN B 88 -7.47 -29.70 -30.81
C ASN B 88 -6.11 -29.29 -31.32
N VAL B 89 -5.79 -27.99 -31.30
CA VAL B 89 -4.48 -27.50 -31.68
C VAL B 89 -3.61 -27.17 -30.47
N GLY B 90 -4.06 -27.53 -29.26
CA GLY B 90 -3.23 -27.37 -28.08
C GLY B 90 -3.31 -26.02 -27.41
N VAL B 91 -4.33 -25.22 -27.69
CA VAL B 91 -4.51 -23.92 -27.07
C VAL B 91 -5.73 -23.97 -26.17
N ARG B 92 -5.55 -23.61 -24.91
CA ARG B 92 -6.59 -23.76 -23.90
C ARG B 92 -7.51 -22.53 -23.89
N ILE B 93 -8.66 -22.69 -23.24
CA ILE B 93 -9.65 -21.63 -23.06
C ILE B 93 -9.88 -21.42 -21.58
N TYR B 94 -9.79 -20.17 -21.14
CA TYR B 94 -10.08 -19.79 -19.76
C TYR B 94 -11.22 -18.78 -19.77
N VAL B 95 -12.26 -19.05 -18.99
CA VAL B 95 -13.51 -18.31 -19.06
C VAL B 95 -13.53 -17.24 -17.98
N ASP B 96 -13.79 -16.00 -18.39
CA ASP B 96 -14.00 -14.90 -17.46
C ASP B 96 -15.34 -15.14 -16.78
N ALA B 97 -15.31 -15.63 -15.55
CA ALA B 97 -16.52 -16.00 -14.82
C ALA B 97 -17.01 -14.82 -13.99
N VAL B 98 -18.13 -14.23 -14.40
CA VAL B 98 -18.74 -13.13 -13.64
C VAL B 98 -19.77 -13.77 -12.71
N ILE B 99 -19.31 -14.11 -11.51
CA ILE B 99 -20.10 -14.91 -10.58
C ILE B 99 -20.42 -14.19 -9.28
N ASN B 100 -19.89 -12.99 -9.06
CA ASN B 100 -20.14 -12.28 -7.82
C ASN B 100 -21.49 -11.57 -7.83
N HIS B 101 -21.99 -11.22 -9.02
CA HIS B 101 -23.11 -10.31 -9.09
C HIS B 101 -23.88 -10.55 -10.39
N MET B 102 -25.12 -10.08 -10.39
CA MET B 102 -25.89 -9.89 -11.61
C MET B 102 -25.75 -8.42 -12.04
N CYS B 103 -26.67 -7.95 -12.87
CA CYS B 103 -26.57 -6.59 -13.38
C CYS B 103 -26.90 -5.56 -12.30
N GLY B 104 -26.71 -4.29 -12.65
CA GLY B 104 -26.99 -3.21 -11.71
C GLY B 104 -28.43 -3.21 -11.24
N ASN B 105 -28.63 -2.74 -10.02
CA ASN B 105 -29.96 -2.78 -9.40
C ASN B 105 -30.95 -1.85 -10.11
N ALA B 106 -30.47 -0.73 -10.66
CA ALA B 106 -31.34 0.27 -11.27
C ALA B 106 -31.55 0.05 -12.77
N VAL B 107 -31.07 -1.07 -13.32
CA VAL B 107 -31.27 -1.33 -14.74
C VAL B 107 -32.75 -1.59 -15.00
N SER B 108 -33.25 -1.03 -16.09
CA SER B 108 -34.66 -1.17 -16.43
C SER B 108 -35.00 -2.63 -16.73
N ALA B 109 -36.10 -3.11 -16.14
CA ALA B 109 -36.58 -4.45 -16.43
C ALA B 109 -37.03 -4.55 -17.89
N GLY B 110 -36.87 -5.72 -18.46
CA GLY B 110 -37.30 -5.92 -19.82
C GLY B 110 -36.46 -6.99 -20.50
N THR B 111 -36.40 -6.90 -21.82
CA THR B 111 -35.67 -7.86 -22.64
C THR B 111 -34.38 -7.26 -23.21
N SER B 112 -33.87 -6.19 -22.62
CA SER B 112 -32.67 -5.52 -23.12
C SER B 112 -31.42 -6.31 -22.72
N SER B 113 -31.34 -7.53 -23.25
CA SER B 113 -30.27 -8.46 -22.94
C SER B 113 -29.77 -9.09 -24.23
N THR B 114 -28.62 -9.76 -24.16
CA THR B 114 -27.96 -10.23 -25.37
C THR B 114 -28.65 -11.45 -25.97
N CYS B 115 -29.45 -12.18 -25.20
CA CYS B 115 -30.30 -13.25 -25.73
C CYS B 115 -31.78 -12.93 -25.59
N GLY B 116 -32.13 -11.70 -25.24
CA GLY B 116 -33.53 -11.32 -25.07
C GLY B 116 -34.21 -11.90 -23.85
N SER B 117 -33.46 -12.49 -22.92
CA SER B 117 -34.04 -13.00 -21.69
C SER B 117 -34.65 -11.87 -20.88
N TYR B 118 -35.80 -12.14 -20.28
CA TYR B 118 -36.42 -11.17 -19.38
C TYR B 118 -35.69 -11.16 -18.05
N PHE B 119 -35.56 -9.98 -17.46
CA PHE B 119 -34.98 -9.82 -16.14
C PHE B 119 -35.53 -8.54 -15.54
N ASN B 120 -35.66 -8.51 -14.22
CA ASN B 120 -36.24 -7.38 -13.52
C ASN B 120 -35.34 -7.08 -12.32
N PRO B 121 -34.31 -6.26 -12.51
CA PRO B 121 -33.42 -5.94 -11.38
C PRO B 121 -34.15 -5.32 -10.20
N GLY B 122 -35.11 -4.43 -10.46
CA GLY B 122 -35.86 -3.81 -9.38
C GLY B 122 -36.50 -4.83 -8.45
N SER B 123 -37.06 -5.89 -9.01
CA SER B 123 -37.71 -6.92 -8.20
C SER B 123 -36.84 -8.16 -8.01
N ARG B 124 -35.58 -8.12 -8.44
CA ARG B 124 -34.60 -9.20 -8.22
C ARG B 124 -34.94 -10.48 -8.99
N ASP B 125 -35.59 -10.37 -10.14
CA ASP B 125 -36.06 -11.54 -10.87
C ASP B 125 -35.19 -11.77 -12.11
N PHE B 126 -34.52 -12.91 -12.15
CA PHE B 126 -33.76 -13.35 -13.31
C PHE B 126 -34.25 -14.75 -13.64
N PRO B 127 -35.40 -14.87 -14.31
CA PRO B 127 -36.04 -16.19 -14.48
C PRO B 127 -35.25 -17.15 -15.36
N ALA B 128 -34.29 -16.67 -16.14
CA ALA B 128 -33.52 -17.58 -17.01
C ALA B 128 -32.51 -18.41 -16.23
N VAL B 129 -32.19 -18.02 -15.00
CA VAL B 129 -31.24 -18.79 -14.19
C VAL B 129 -31.85 -20.04 -13.55
N PRO B 130 -32.92 -19.89 -12.74
CA PRO B 130 -33.61 -18.69 -12.24
C PRO B 130 -33.04 -18.16 -10.91
N TYR B 131 -33.03 -16.84 -10.75
CA TYR B 131 -32.72 -16.19 -9.49
C TYR B 131 -33.91 -15.36 -9.03
N SER B 132 -34.07 -15.27 -7.71
CA SER B 132 -35.11 -14.44 -7.13
C SER B 132 -34.54 -13.54 -6.04
N GLY B 133 -35.41 -12.86 -5.28
CA GLY B 133 -34.94 -12.03 -4.19
C GLY B 133 -34.23 -12.80 -3.10
N TRP B 134 -34.51 -14.09 -2.96
CA TRP B 134 -33.84 -14.91 -1.96
C TRP B 134 -32.35 -15.10 -2.25
N ASP B 135 -31.92 -14.87 -3.48
CA ASP B 135 -30.56 -15.19 -3.89
C ASP B 135 -29.62 -13.97 -3.88
N PHE B 136 -30.05 -12.86 -3.29
CA PHE B 136 -29.23 -11.65 -3.25
C PHE B 136 -28.98 -11.20 -1.82
N ASN B 137 -28.05 -10.26 -1.67
CA ASN B 137 -27.50 -9.87 -0.38
C ASN B 137 -28.19 -8.65 0.23
N ASP B 138 -29.40 -8.32 -0.24
CA ASP B 138 -30.13 -7.18 0.31
C ASP B 138 -30.18 -7.21 1.84
N GLY B 139 -30.51 -8.36 2.41
CA GLY B 139 -30.62 -8.45 3.85
C GLY B 139 -29.28 -8.28 4.57
N LYS B 140 -28.25 -9.00 4.11
CA LYS B 140 -27.00 -9.04 4.87
C LYS B 140 -26.18 -7.76 4.74
N CYS B 141 -26.33 -7.02 3.64
CA CYS B 141 -25.55 -5.80 3.43
C CYS B 141 -26.02 -4.72 4.41
N LYS B 142 -25.08 -4.18 5.18
CA LYS B 142 -25.39 -3.26 6.27
C LYS B 142 -25.23 -1.78 5.90
N THR B 143 -24.83 -1.45 4.68
CA THR B 143 -24.54 -0.07 4.37
C THR B 143 -25.82 0.69 4.00
N GLY B 144 -25.74 2.02 4.14
CA GLY B 144 -26.92 2.85 3.92
C GLY B 144 -27.41 2.82 2.49
N SER B 145 -26.50 2.81 1.52
CA SER B 145 -26.89 2.80 0.12
C SER B 145 -27.06 1.40 -0.44
N GLY B 146 -26.73 0.36 0.33
CA GLY B 146 -26.72 -0.99 -0.19
C GLY B 146 -25.56 -1.31 -1.10
N ASP B 147 -24.66 -0.35 -1.34
CA ASP B 147 -23.50 -0.53 -2.20
C ASP B 147 -22.24 -0.57 -1.35
N ILE B 148 -21.11 -0.83 -2.00
CA ILE B 148 -19.81 -0.79 -1.34
C ILE B 148 -19.41 0.67 -1.20
N GLU B 149 -19.23 1.12 0.04
CA GLU B 149 -18.86 2.51 0.32
C GLU B 149 -17.43 2.65 0.79
N ASN B 150 -17.04 1.90 1.82
CA ASN B 150 -15.72 2.01 2.42
C ASN B 150 -14.98 0.69 2.18
N TYR B 151 -13.91 0.76 1.40
CA TYR B 151 -13.11 -0.43 1.13
C TYR B 151 -12.27 -0.87 2.31
N ASN B 152 -12.22 -0.06 3.38
CA ASN B 152 -11.59 -0.49 4.61
C ASN B 152 -12.52 -1.30 5.52
N ASP B 153 -13.71 -1.65 5.03
CA ASP B 153 -14.60 -2.57 5.71
C ASP B 153 -14.72 -3.80 4.81
N ALA B 154 -13.98 -4.86 5.16
CA ALA B 154 -13.94 -6.04 4.32
C ALA B 154 -15.31 -6.72 4.23
N THR B 155 -16.15 -6.57 5.25
CA THR B 155 -17.47 -7.20 5.21
C THR B 155 -18.36 -6.58 4.14
N GLN B 156 -18.40 -5.25 4.05
CA GLN B 156 -19.25 -4.62 3.04
C GLN B 156 -18.70 -4.79 1.63
N VAL B 157 -17.37 -4.83 1.48
CA VAL B 157 -16.77 -5.12 0.17
C VAL B 157 -17.31 -6.44 -0.38
N ARG B 158 -17.54 -7.41 0.50
CA ARG B 158 -18.02 -8.73 0.10
C ARG B 158 -19.54 -8.83 0.03
N ASP B 159 -20.24 -8.27 1.02
CA ASP B 159 -21.68 -8.51 1.17
C ASP B 159 -22.55 -7.43 0.53
N CYS B 160 -21.97 -6.41 -0.08
CA CYS B 160 -22.75 -5.31 -0.64
C CYS B 160 -22.51 -5.24 -2.15
N ARG B 161 -23.26 -4.37 -2.80
CA ARG B 161 -23.35 -4.32 -4.25
C ARG B 161 -22.18 -3.53 -4.82
N LEU B 162 -21.28 -4.20 -5.54
CA LEU B 162 -20.18 -3.55 -6.22
C LEU B 162 -20.68 -2.58 -7.28
N THR B 163 -20.52 -1.29 -7.04
CA THR B 163 -21.08 -0.24 -7.90
C THR B 163 -22.54 -0.48 -8.24
N GLY B 164 -23.30 -0.95 -7.25
CA GLY B 164 -24.72 -1.18 -7.43
C GLY B 164 -25.09 -2.45 -8.16
N LEU B 165 -24.12 -3.28 -8.54
CA LEU B 165 -24.43 -4.56 -9.16
C LEU B 165 -25.02 -5.50 -8.13
N LEU B 166 -26.14 -6.14 -8.48
CA LEU B 166 -26.86 -6.96 -7.51
C LEU B 166 -25.97 -8.11 -7.06
N ASP B 167 -25.71 -8.15 -5.76
CA ASP B 167 -24.70 -9.04 -5.20
C ASP B 167 -25.34 -10.36 -4.80
N LEU B 168 -24.90 -11.46 -5.43
CA LEU B 168 -25.47 -12.76 -5.16
C LEU B 168 -25.09 -13.24 -3.77
N ALA B 169 -25.93 -14.09 -3.19
CA ALA B 169 -25.70 -14.65 -1.87
C ALA B 169 -24.96 -15.96 -2.05
N LEU B 170 -23.64 -15.88 -2.07
CA LEU B 170 -22.81 -17.03 -2.38
C LEU B 170 -22.65 -18.00 -1.22
N GLU B 171 -23.22 -17.68 -0.05
CA GLU B 171 -23.25 -18.63 1.05
C GLU B 171 -24.34 -19.67 0.87
N LYS B 172 -25.31 -19.41 0.00
CA LYS B 172 -26.45 -20.28 -0.19
C LYS B 172 -26.09 -21.39 -1.18
N ASP B 173 -26.39 -22.63 -0.80
CA ASP B 173 -26.06 -23.76 -1.66
C ASP B 173 -26.77 -23.67 -3.01
N TYR B 174 -27.97 -23.09 -3.05
CA TYR B 174 -28.67 -22.95 -4.32
C TYR B 174 -27.90 -22.06 -5.28
N VAL B 175 -27.41 -20.91 -4.79
CA VAL B 175 -26.65 -20.01 -5.65
C VAL B 175 -25.32 -20.64 -6.05
N ARG B 176 -24.65 -21.30 -5.10
CA ARG B 176 -23.40 -22.00 -5.42
C ARG B 176 -23.63 -23.08 -6.45
N SER B 177 -24.77 -23.76 -6.37
CA SER B 177 -25.04 -24.86 -7.30
C SER B 177 -25.37 -24.33 -8.69
N LYS B 178 -26.13 -23.26 -8.76
CA LYS B 178 -26.43 -22.64 -10.06
C LYS B 178 -25.14 -22.18 -10.73
N ILE B 179 -24.25 -21.56 -9.96
CA ILE B 179 -22.96 -21.12 -10.50
C ILE B 179 -22.13 -22.32 -10.95
N ALA B 180 -22.07 -23.36 -10.12
CA ALA B 180 -21.35 -24.57 -10.47
C ALA B 180 -21.96 -25.23 -11.69
N GLU B 181 -23.29 -25.20 -11.80
CA GLU B 181 -23.96 -25.73 -13.00
C GLU B 181 -23.45 -25.02 -14.25
N TYR B 182 -23.39 -23.68 -14.20
CA TYR B 182 -22.83 -22.91 -15.30
C TYR B 182 -21.38 -23.29 -15.57
N MET B 183 -20.54 -23.24 -14.53
CA MET B 183 -19.11 -23.50 -14.70
C MET B 183 -18.84 -24.95 -15.12
N ASN B 184 -19.59 -25.91 -14.56
CA ASN B 184 -19.38 -27.30 -14.96
C ASN B 184 -19.79 -27.55 -16.41
N HIS B 185 -20.78 -26.81 -16.90
CA HIS B 185 -21.14 -26.90 -18.31
C HIS B 185 -19.98 -26.42 -19.18
N LEU B 186 -19.28 -25.38 -18.74
CA LEU B 186 -18.12 -24.88 -19.47
C LEU B 186 -16.95 -25.86 -19.36
N ILE B 187 -16.78 -26.47 -18.18
CA ILE B 187 -15.73 -27.47 -18.01
C ILE B 187 -15.98 -28.66 -18.93
N ASP B 188 -17.23 -29.13 -18.99
CA ASP B 188 -17.56 -30.27 -19.83
C ASP B 188 -17.31 -29.97 -21.31
N ILE B 189 -17.60 -28.74 -21.74
CA ILE B 189 -17.30 -28.34 -23.11
C ILE B 189 -15.80 -28.33 -23.40
N GLY B 190 -14.98 -28.16 -22.38
CA GLY B 190 -13.54 -28.27 -22.56
C GLY B 190 -12.69 -27.09 -22.15
N VAL B 191 -13.27 -26.11 -21.45
CA VAL B 191 -12.46 -24.98 -21.00
C VAL B 191 -11.46 -25.47 -19.95
N ALA B 192 -10.30 -24.83 -19.93
CA ALA B 192 -9.19 -25.27 -19.07
C ALA B 192 -9.23 -24.64 -17.69
N GLY B 193 -10.04 -23.61 -17.48
CA GLY B 193 -10.04 -22.91 -16.21
C GLY B 193 -10.82 -21.62 -16.32
N PHE B 194 -10.71 -20.81 -15.27
CA PHE B 194 -11.56 -19.64 -15.13
C PHE B 194 -10.79 -18.49 -14.52
N ARG B 195 -11.03 -17.29 -15.03
CA ARG B 195 -10.75 -16.07 -14.31
C ARG B 195 -11.97 -15.74 -13.47
N LEU B 196 -11.81 -15.73 -12.15
CA LEU B 196 -12.92 -15.42 -11.25
C LEU B 196 -12.99 -13.91 -11.10
N ASP B 197 -13.93 -13.30 -11.80
CA ASP B 197 -14.07 -11.85 -11.80
C ASP B 197 -14.52 -11.36 -10.43
N ALA B 198 -13.98 -10.21 -10.02
CA ALA B 198 -14.34 -9.57 -8.75
C ALA B 198 -14.26 -10.54 -7.57
N SER B 199 -13.15 -11.29 -7.51
CA SER B 199 -12.95 -12.22 -6.41
C SER B 199 -12.75 -11.49 -5.09
N LYS B 200 -12.25 -10.25 -5.15
CA LYS B 200 -12.12 -9.44 -3.95
C LYS B 200 -13.46 -9.23 -3.27
N HIS B 201 -14.55 -9.30 -4.03
CA HIS B 201 -15.88 -9.01 -3.52
C HIS B 201 -16.66 -10.27 -3.16
N MET B 202 -15.99 -11.41 -3.14
CA MET B 202 -16.56 -12.66 -2.69
C MET B 202 -15.71 -13.16 -1.53
N TRP B 203 -16.35 -13.85 -0.58
CA TRP B 203 -15.59 -14.44 0.51
C TRP B 203 -14.78 -15.62 -0.02
N PRO B 204 -13.54 -15.79 0.44
CA PRO B 204 -12.75 -16.96 -0.01
C PRO B 204 -13.45 -18.29 0.26
N GLY B 205 -14.16 -18.40 1.39
CA GLY B 205 -14.88 -19.63 1.68
C GLY B 205 -15.99 -19.91 0.69
N ASP B 206 -16.76 -18.88 0.33
CA ASP B 206 -17.80 -19.06 -0.68
C ASP B 206 -17.21 -19.55 -2.00
N ILE B 207 -16.06 -18.98 -2.38
CA ILE B 207 -15.38 -19.43 -3.60
C ILE B 207 -15.02 -20.91 -3.49
N LYS B 208 -14.41 -21.31 -2.38
CA LYS B 208 -14.03 -22.71 -2.19
C LYS B 208 -15.25 -23.62 -2.31
N ALA B 209 -16.37 -23.24 -1.69
CA ALA B 209 -17.58 -24.05 -1.76
C ALA B 209 -18.05 -24.23 -3.21
N ILE B 210 -17.90 -23.19 -4.03
CA ILE B 210 -18.24 -23.31 -5.45
C ILE B 210 -17.25 -24.22 -6.16
N LEU B 211 -15.95 -23.99 -5.94
CA LEU B 211 -14.93 -24.78 -6.61
C LEU B 211 -15.03 -26.26 -6.24
N ASP B 212 -15.44 -26.56 -5.00
CA ASP B 212 -15.57 -27.95 -4.57
C ASP B 212 -16.64 -28.69 -5.35
N LYS B 213 -17.55 -27.98 -6.00
CA LYS B 213 -18.59 -28.59 -6.84
C LYS B 213 -18.12 -28.83 -8.27
N LEU B 214 -16.91 -28.40 -8.62
CA LEU B 214 -16.51 -28.42 -10.01
C LEU B 214 -15.98 -29.80 -10.41
N HIS B 215 -16.25 -30.16 -11.66
CA HIS B 215 -15.73 -31.40 -12.21
C HIS B 215 -14.24 -31.25 -12.51
N ASN B 216 -13.58 -32.39 -12.72
CA ASN B 216 -12.28 -32.36 -13.35
C ASN B 216 -12.45 -31.98 -14.82
N LEU B 217 -11.35 -31.58 -15.44
CA LEU B 217 -11.43 -31.17 -16.83
C LEU B 217 -11.78 -32.36 -17.72
N ASN B 218 -12.38 -32.07 -18.87
CA ASN B 218 -12.76 -33.12 -19.80
C ASN B 218 -11.54 -33.91 -20.24
N SER B 219 -11.56 -35.22 -19.99
CA SER B 219 -10.40 -36.06 -20.21
C SER B 219 -10.07 -36.27 -21.69
N ASN B 220 -10.92 -35.80 -22.60
CA ASN B 220 -10.57 -35.87 -24.02
C ASN B 220 -9.36 -34.99 -24.35
N TRP B 221 -9.20 -33.87 -23.66
CA TRP B 221 -8.12 -32.94 -23.93
C TRP B 221 -7.13 -32.79 -22.79
N PHE B 222 -7.44 -33.32 -21.62
CA PHE B 222 -6.60 -33.15 -20.45
C PHE B 222 -6.36 -34.51 -19.80
N PRO B 223 -5.23 -34.69 -19.13
CA PRO B 223 -5.00 -35.94 -18.40
C PRO B 223 -6.07 -36.10 -17.33
N ALA B 224 -6.43 -37.35 -17.07
CA ALA B 224 -7.47 -37.63 -16.07
C ALA B 224 -7.09 -37.05 -14.72
N GLY B 225 -8.06 -36.41 -14.07
CA GLY B 225 -7.85 -35.81 -12.77
C GLY B 225 -7.32 -34.41 -12.77
N SER B 226 -7.21 -33.76 -13.92
CA SER B 226 -6.78 -32.37 -13.96
C SER B 226 -7.87 -31.48 -13.38
N LYS B 227 -7.45 -30.49 -12.55
CA LYS B 227 -8.41 -29.58 -11.98
C LYS B 227 -8.40 -28.26 -12.75
N PRO B 228 -9.51 -27.52 -12.78
CA PRO B 228 -9.54 -26.28 -13.56
C PRO B 228 -8.61 -25.24 -12.97
N PHE B 229 -7.82 -24.61 -13.84
CA PHE B 229 -6.96 -23.51 -13.43
C PHE B 229 -7.81 -22.36 -12.92
N ILE B 230 -7.53 -21.91 -11.70
CA ILE B 230 -8.29 -20.84 -11.07
C ILE B 230 -7.32 -19.71 -10.77
N TYR B 231 -7.55 -18.56 -11.41
CA TYR B 231 -6.88 -17.31 -11.04
C TYR B 231 -7.95 -16.28 -10.73
N GLN B 232 -7.90 -15.74 -9.51
CA GLN B 232 -8.95 -14.90 -8.96
C GLN B 232 -8.55 -13.43 -9.09
N GLU B 233 -9.44 -12.61 -9.65
CA GLU B 233 -9.16 -11.18 -9.73
C GLU B 233 -9.32 -10.57 -8.34
N VAL B 234 -8.19 -10.23 -7.72
CA VAL B 234 -8.17 -9.61 -6.41
C VAL B 234 -7.19 -8.45 -6.50
N ILE B 235 -7.70 -7.23 -6.43
CA ILE B 235 -6.87 -6.03 -6.50
C ILE B 235 -6.33 -5.77 -5.11
N ASP B 236 -5.03 -5.99 -4.92
CA ASP B 236 -4.39 -5.81 -3.61
C ASP B 236 -3.03 -5.15 -3.86
N LEU B 237 -2.99 -3.84 -3.70
CA LEU B 237 -1.74 -3.08 -3.75
C LEU B 237 -1.16 -2.82 -2.36
N GLY B 238 -1.77 -3.39 -1.32
CA GLY B 238 -1.37 -3.15 0.04
C GLY B 238 -2.17 -2.04 0.71
N GLY B 239 -2.05 -1.98 2.03
CA GLY B 239 -2.72 -0.94 2.79
C GLY B 239 -4.22 -1.08 2.93
N GLU B 240 -4.78 -2.22 2.55
CA GLU B 240 -6.19 -2.50 2.73
C GLU B 240 -6.39 -3.76 3.55
N PRO B 241 -7.53 -3.89 4.23
CA PRO B 241 -7.76 -5.10 5.04
C PRO B 241 -7.80 -6.39 4.23
N ILE B 242 -8.25 -6.36 2.98
CA ILE B 242 -8.34 -7.56 2.16
C ILE B 242 -6.98 -7.82 1.52
N LYS B 243 -6.44 -9.00 1.77
CA LYS B 243 -5.14 -9.41 1.23
C LYS B 243 -5.38 -10.51 0.20
N SER B 244 -4.66 -10.41 -0.94
CA SER B 244 -4.79 -11.44 -1.95
C SER B 244 -4.34 -12.81 -1.46
N SER B 245 -3.54 -12.86 -0.39
CA SER B 245 -3.17 -14.14 0.21
C SER B 245 -4.35 -14.85 0.85
N ASP B 246 -5.44 -14.13 1.17
CA ASP B 246 -6.63 -14.77 1.69
C ASP B 246 -7.24 -15.77 0.72
N TYR B 247 -6.87 -15.69 -0.56
CA TYR B 247 -7.45 -16.53 -1.60
C TYR B 247 -6.50 -17.64 -2.06
N PHE B 248 -5.33 -17.78 -1.42
CA PHE B 248 -4.33 -18.75 -1.89
C PHE B 248 -4.86 -20.17 -1.88
N GLY B 249 -5.85 -20.47 -1.05
CA GLY B 249 -6.42 -21.81 -1.00
C GLY B 249 -7.32 -22.17 -2.16
N ASN B 250 -7.77 -21.19 -2.94
CA ASN B 250 -8.68 -21.44 -4.05
C ASN B 250 -7.98 -21.52 -5.40
N GLY B 251 -6.78 -21.00 -5.53
CA GLY B 251 -6.12 -20.90 -6.81
C GLY B 251 -5.12 -19.76 -6.77
N ARG B 252 -4.65 -19.39 -7.96
CA ARG B 252 -3.76 -18.24 -8.07
C ARG B 252 -4.57 -16.95 -7.94
N VAL B 253 -3.84 -15.84 -7.76
CA VAL B 253 -4.45 -14.52 -7.68
C VAL B 253 -3.76 -13.61 -8.67
N THR B 254 -4.53 -12.69 -9.25
CA THR B 254 -3.95 -11.64 -10.07
C THR B 254 -3.07 -10.74 -9.22
N GLU B 255 -1.82 -10.58 -9.62
CA GLU B 255 -0.86 -9.73 -8.91
C GLU B 255 -0.83 -8.37 -9.59
N PHE B 256 -1.67 -7.46 -9.10
CA PHE B 256 -1.74 -6.12 -9.68
C PHE B 256 -0.57 -5.24 -9.30
N LYS B 257 0.18 -5.60 -8.24
CA LYS B 257 1.42 -4.89 -7.95
C LYS B 257 2.42 -5.03 -9.07
N TYR B 258 2.39 -6.18 -9.76
CA TYR B 258 3.31 -6.44 -10.86
C TYR B 258 3.27 -5.31 -11.88
N GLY B 259 2.11 -5.11 -12.52
CA GLY B 259 2.00 -4.10 -13.56
C GLY B 259 2.11 -2.68 -13.04
N ALA B 260 1.66 -2.45 -11.81
CA ALA B 260 1.76 -1.11 -11.23
C ALA B 260 3.22 -0.73 -11.00
N LYS B 261 3.97 -1.58 -10.31
CA LYS B 261 5.38 -1.29 -10.03
C LYS B 261 6.22 -1.32 -11.31
N LEU B 262 6.03 -2.34 -12.16
CA LEU B 262 6.82 -2.42 -13.39
C LEU B 262 6.57 -1.21 -14.28
N GLY B 263 5.34 -0.71 -14.30
CA GLY B 263 5.08 0.50 -15.07
C GLY B 263 5.81 1.71 -14.50
N THR B 264 5.74 1.88 -13.18
CA THR B 264 6.47 2.97 -12.55
C THR B 264 7.96 2.88 -12.81
N VAL B 265 8.52 1.67 -12.75
CA VAL B 265 9.95 1.49 -12.99
C VAL B 265 10.30 1.87 -14.42
N ILE B 266 9.50 1.43 -15.38
CA ILE B 266 9.86 1.60 -16.79
C ILE B 266 9.54 3.01 -17.27
N ARG B 267 8.52 3.64 -16.70
CA ARG B 267 8.32 5.07 -16.92
C ARG B 267 9.36 5.91 -16.22
N LYS B 268 10.19 5.29 -15.37
CA LYS B 268 11.17 5.98 -14.54
C LYS B 268 10.53 7.06 -13.66
N TRP B 269 9.39 6.73 -13.08
CA TRP B 269 8.72 7.62 -12.13
C TRP B 269 9.26 7.39 -10.73
N ASN B 270 9.19 8.44 -9.90
CA ASN B 270 9.52 8.36 -8.48
C ASN B 270 10.96 7.88 -8.25
N GLY B 271 11.87 8.27 -9.14
CA GLY B 271 13.25 7.85 -9.02
C GLY B 271 13.48 6.37 -9.18
N GLU B 272 12.50 5.64 -9.71
CA GLU B 272 12.66 4.21 -9.93
C GLU B 272 13.51 3.97 -11.17
N LYS B 273 14.27 2.88 -11.13
CA LYS B 273 15.22 2.57 -12.20
C LYS B 273 15.17 1.08 -12.49
N MET B 274 15.49 0.72 -13.73
CA MET B 274 15.45 -0.68 -14.13
C MET B 274 16.45 -1.52 -13.35
N SER B 275 17.54 -0.92 -12.89
CA SER B 275 18.51 -1.66 -12.09
C SER B 275 17.91 -2.18 -10.80
N TYR B 276 16.79 -1.60 -10.34
CA TYR B 276 16.12 -2.10 -9.15
C TYR B 276 15.40 -3.41 -9.40
N LEU B 277 15.28 -3.85 -10.66
CA LEU B 277 14.60 -5.10 -10.98
C LEU B 277 15.46 -6.33 -10.73
N LYS B 278 16.62 -6.17 -10.09
CA LYS B 278 17.49 -7.31 -9.83
C LYS B 278 16.80 -8.34 -8.96
N ASN B 279 16.06 -7.89 -7.95
CA ASN B 279 15.33 -8.77 -7.04
C ASN B 279 13.85 -8.86 -7.40
N TRP B 280 13.48 -8.52 -8.64
CA TRP B 280 12.12 -8.61 -9.11
C TRP B 280 11.51 -9.97 -8.75
N GLY B 281 10.25 -9.96 -8.32
CA GLY B 281 9.57 -11.16 -7.87
C GLY B 281 9.04 -11.00 -6.45
N GLU B 282 9.18 -12.08 -5.67
CA GLU B 282 8.80 -12.03 -4.26
C GLU B 282 9.50 -10.91 -3.51
N GLY B 283 10.75 -10.60 -3.91
CA GLY B 283 11.50 -9.53 -3.28
C GLY B 283 10.75 -8.21 -3.20
N TRP B 284 9.90 -7.93 -4.19
CA TRP B 284 9.17 -6.67 -4.26
C TRP B 284 7.89 -6.68 -3.42
N GLY B 285 7.70 -7.69 -2.59
CA GLY B 285 6.48 -7.82 -1.83
C GLY B 285 5.34 -8.48 -2.57
N PHE B 286 5.64 -9.24 -3.62
CA PHE B 286 4.63 -9.92 -4.39
C PHE B 286 4.29 -11.27 -3.77
N VAL B 287 3.16 -11.83 -4.19
CA VAL B 287 2.69 -13.14 -3.74
C VAL B 287 3.68 -14.19 -4.24
N PRO B 288 3.67 -15.40 -3.70
CA PRO B 288 4.54 -16.45 -4.23
C PRO B 288 4.29 -16.65 -5.73
N SER B 289 5.37 -16.90 -6.46
CA SER B 289 5.29 -17.04 -7.92
C SER B 289 4.25 -18.08 -8.33
N ASP B 290 4.22 -19.21 -7.62
CA ASP B 290 3.29 -20.28 -7.95
C ASP B 290 1.84 -19.95 -7.62
N ARG B 291 1.59 -18.80 -7.00
CA ARG B 291 0.24 -18.30 -6.74
C ARG B 291 -0.09 -17.08 -7.60
N ALA B 292 0.78 -16.70 -8.53
CA ALA B 292 0.71 -15.40 -9.18
C ALA B 292 0.28 -15.53 -10.63
N LEU B 293 -0.73 -14.74 -11.01
CA LEU B 293 -1.03 -14.45 -12.41
C LEU B 293 -0.55 -13.04 -12.67
N VAL B 294 0.43 -12.91 -13.55
CA VAL B 294 1.09 -11.62 -13.76
C VAL B 294 0.79 -11.12 -15.16
N PHE B 295 0.89 -9.81 -15.31
CA PHE B 295 0.52 -9.12 -16.54
C PHE B 295 0.94 -7.66 -16.40
N VAL B 296 1.16 -7.01 -17.54
CA VAL B 296 1.52 -5.60 -17.55
C VAL B 296 0.27 -4.74 -17.35
N ASP B 297 -0.76 -5.00 -18.15
CA ASP B 297 -2.05 -4.35 -18.01
C ASP B 297 -3.14 -5.40 -18.14
N ASN B 298 -4.34 -5.04 -17.70
CA ASN B 298 -5.54 -5.83 -17.96
C ASN B 298 -6.55 -4.98 -18.72
N HIS B 299 -7.69 -5.59 -19.04
CA HIS B 299 -8.71 -4.88 -19.80
C HIS B 299 -9.19 -3.64 -19.06
N ASP B 300 -9.27 -3.72 -17.73
CA ASP B 300 -9.78 -2.61 -16.94
C ASP B 300 -8.73 -1.50 -16.81
N ASN B 301 -7.58 -1.81 -16.21
CA ASN B 301 -6.62 -0.77 -15.88
C ASN B 301 -5.89 -0.20 -17.10
N GLN B 302 -6.03 -0.81 -18.27
CA GLN B 302 -5.43 -0.20 -19.45
C GLN B 302 -6.11 1.11 -19.85
N ARG B 303 -7.27 1.39 -19.25
CA ARG B 303 -7.98 2.65 -19.45
C ARG B 303 -7.59 3.73 -18.44
N GLY B 304 -6.73 3.41 -17.48
CA GLY B 304 -6.04 4.40 -16.70
C GLY B 304 -6.58 4.62 -15.29
N HIS B 305 -7.79 4.16 -14.98
CA HIS B 305 -8.36 4.36 -13.65
C HIS B 305 -8.58 3.05 -12.90
N GLY B 306 -7.87 2.00 -13.28
CA GLY B 306 -7.90 0.75 -12.57
C GLY B 306 -6.80 0.70 -11.53
N ALA B 307 -6.49 -0.52 -11.11
CA ALA B 307 -5.38 -0.74 -10.20
C ALA B 307 -4.07 -0.31 -10.85
N GLY B 308 -3.40 0.68 -10.25
CA GLY B 308 -2.17 1.21 -10.79
C GLY B 308 -2.31 2.56 -11.48
N GLY B 309 -3.52 2.97 -11.81
CA GLY B 309 -3.73 4.31 -12.33
C GLY B 309 -2.95 4.60 -13.60
N ALA B 310 -2.33 5.77 -13.64
CA ALA B 310 -1.62 6.24 -14.84
C ALA B 310 -0.30 5.52 -15.07
N SER B 311 0.22 4.79 -14.08
CA SER B 311 1.49 4.11 -14.26
C SER B 311 1.37 2.87 -15.14
N ILE B 312 0.15 2.39 -15.36
CA ILE B 312 -0.05 1.20 -16.17
C ILE B 312 0.36 1.48 -17.61
N LEU B 313 1.25 0.65 -18.15
CA LEU B 313 1.63 0.77 -19.54
C LEU B 313 0.66 -0.03 -20.41
N THR B 314 0.32 0.53 -21.57
CA THR B 314 -0.64 -0.05 -22.50
C THR B 314 -0.05 0.02 -23.90
N PHE B 315 -0.79 -0.52 -24.87
CA PHE B 315 -0.34 -0.48 -26.26
C PHE B 315 -0.19 0.95 -26.76
N TRP B 316 -0.92 1.90 -26.17
CA TRP B 316 -0.73 3.30 -26.53
C TRP B 316 0.70 3.75 -26.31
N ASP B 317 1.39 3.15 -25.33
CA ASP B 317 2.79 3.44 -25.08
C ASP B 317 3.66 2.30 -25.63
N ALA B 318 3.54 2.10 -26.95
CA ALA B 318 3.99 0.85 -27.57
C ALA B 318 5.46 0.58 -27.28
N ARG B 319 6.31 1.62 -27.35
CA ARG B 319 7.74 1.40 -27.18
C ARG B 319 8.05 0.93 -25.76
N LEU B 320 7.57 1.66 -24.75
CA LEU B 320 7.78 1.22 -23.38
C LEU B 320 7.00 -0.05 -23.07
N TYR B 321 5.83 -0.23 -23.70
CA TYR B 321 5.00 -1.39 -23.42
C TYR B 321 5.71 -2.68 -23.85
N LYS B 322 6.33 -2.67 -25.03
CA LYS B 322 7.03 -3.86 -25.50
C LYS B 322 8.18 -4.23 -24.57
N MET B 323 8.85 -3.23 -24.00
CA MET B 323 9.92 -3.51 -23.05
C MET B 323 9.37 -4.11 -21.78
N ALA B 324 8.27 -3.56 -21.25
CA ALA B 324 7.67 -4.11 -20.05
C ALA B 324 7.20 -5.54 -20.27
N VAL B 325 6.52 -5.79 -21.39
CA VAL B 325 6.08 -7.15 -21.71
C VAL B 325 7.29 -8.06 -21.93
N GLY B 326 8.31 -7.56 -22.61
CA GLY B 326 9.52 -8.35 -22.82
C GLY B 326 10.19 -8.75 -21.53
N PHE B 327 10.30 -7.82 -20.58
CA PHE B 327 10.88 -8.13 -19.28
C PHE B 327 10.04 -9.17 -18.54
N MET B 328 8.72 -8.97 -18.52
CA MET B 328 7.82 -9.93 -17.88
C MET B 328 7.98 -11.33 -18.47
N LEU B 329 7.98 -11.43 -19.80
CA LEU B 329 8.06 -12.74 -20.44
C LEU B 329 9.42 -13.38 -20.27
N ALA B 330 10.47 -12.56 -20.09
CA ALA B 330 11.79 -13.11 -19.83
C ALA B 330 11.99 -13.52 -18.38
N HIS B 331 11.35 -12.82 -17.43
CA HIS B 331 11.58 -13.10 -16.02
C HIS B 331 10.74 -14.29 -15.57
N PRO B 332 11.30 -15.19 -14.75
CA PRO B 332 10.59 -16.42 -14.40
C PRO B 332 9.43 -16.26 -13.44
N TYR B 333 9.18 -15.07 -12.89
CA TYR B 333 8.17 -14.93 -11.85
C TYR B 333 6.77 -15.02 -12.44
N GLY B 334 5.92 -15.84 -11.82
CA GLY B 334 4.51 -15.85 -12.11
C GLY B 334 4.15 -16.51 -13.43
N PHE B 335 2.86 -16.75 -13.61
CA PHE B 335 2.33 -17.19 -14.89
C PHE B 335 1.87 -15.96 -15.66
N THR B 336 2.34 -15.84 -16.90
CA THR B 336 2.23 -14.61 -17.66
C THR B 336 0.97 -14.61 -18.53
N ARG B 337 0.24 -13.51 -18.50
CA ARG B 337 -0.90 -13.28 -19.39
C ARG B 337 -0.60 -12.05 -20.25
N VAL B 338 -0.69 -12.23 -21.56
CA VAL B 338 -0.47 -11.15 -22.51
C VAL B 338 -1.82 -10.50 -22.83
N MET B 339 -1.82 -9.17 -22.91
CA MET B 339 -3.02 -8.42 -23.26
C MET B 339 -3.13 -8.25 -24.76
N SER B 340 -4.34 -8.43 -25.28
CA SER B 340 -4.67 -8.14 -26.67
C SER B 340 -5.92 -7.26 -26.66
N SER B 341 -5.79 -6.05 -27.19
CA SER B 341 -6.78 -5.00 -27.00
C SER B 341 -7.36 -4.56 -28.34
N TYR B 342 -8.33 -3.65 -28.25
CA TYR B 342 -8.86 -2.94 -29.40
C TYR B 342 -8.66 -1.45 -29.21
N ARG B 343 -8.55 -0.73 -30.32
CA ARG B 343 -8.46 0.72 -30.27
C ARG B 343 -9.82 1.33 -29.95
N TRP B 344 -9.80 2.45 -29.25
CA TRP B 344 -11.00 3.21 -28.95
C TRP B 344 -10.64 4.69 -28.97
N PRO B 345 -11.60 5.57 -29.27
CA PRO B 345 -11.25 7.00 -29.35
C PRO B 345 -10.97 7.61 -27.99
N ARG B 346 -9.78 7.32 -27.48
CA ARG B 346 -9.36 7.80 -26.17
C ARG B 346 -9.31 9.32 -26.15
N GLN B 347 -10.05 9.93 -25.23
CA GLN B 347 -10.19 11.38 -25.16
C GLN B 347 -9.90 11.82 -23.73
N PHE B 348 -8.68 12.28 -23.49
CA PHE B 348 -8.20 12.64 -22.15
C PHE B 348 -8.42 14.12 -21.85
N GLN B 349 -8.92 14.39 -20.66
CA GLN B 349 -8.71 15.69 -20.01
C GLN B 349 -8.49 15.48 -18.53
N ASN B 350 -7.37 16.01 -18.03
CA ASN B 350 -6.99 15.85 -16.62
C ASN B 350 -6.79 14.38 -16.26
N GLY B 351 -6.18 13.63 -17.18
CA GLY B 351 -5.93 12.22 -16.94
C GLY B 351 -7.16 11.33 -16.94
N ASN B 352 -8.32 11.85 -17.33
CA ASN B 352 -9.54 11.07 -17.34
C ASN B 352 -10.01 10.90 -18.78
N ASP B 353 -10.16 9.65 -19.22
CA ASP B 353 -10.68 9.34 -20.54
C ASP B 353 -12.21 9.25 -20.46
N VAL B 354 -12.90 10.14 -21.17
CA VAL B 354 -14.36 10.12 -21.18
C VAL B 354 -14.92 9.04 -22.09
N ASN B 355 -14.08 8.45 -22.95
CA ASN B 355 -14.50 7.38 -23.85
C ASN B 355 -14.00 6.01 -23.41
N ASP B 356 -13.55 5.87 -22.16
CA ASP B 356 -13.07 4.57 -21.72
C ASP B 356 -14.17 3.54 -21.53
N TRP B 357 -15.43 3.92 -21.77
CA TRP B 357 -16.53 2.97 -21.78
C TRP B 357 -16.69 2.28 -23.12
N VAL B 358 -16.06 2.80 -24.17
CA VAL B 358 -16.35 2.37 -25.53
C VAL B 358 -16.00 0.89 -25.70
N GLY B 359 -16.96 0.12 -26.22
CA GLY B 359 -16.78 -1.30 -26.41
C GLY B 359 -15.96 -1.63 -27.63
N PRO B 360 -15.93 -2.91 -28.00
CA PRO B 360 -15.09 -3.38 -29.11
C PRO B 360 -15.52 -2.73 -30.42
N PRO B 361 -14.66 -2.77 -31.45
CA PRO B 361 -15.03 -2.21 -32.75
C PRO B 361 -16.30 -2.88 -33.28
N ASN B 362 -17.25 -2.05 -33.69
CA ASN B 362 -18.57 -2.55 -34.03
C ASN B 362 -19.15 -1.77 -35.21
N ASN B 363 -20.14 -2.40 -35.84
CA ASN B 363 -21.01 -1.76 -36.81
C ASN B 363 -22.40 -1.81 -36.19
N ASN B 364 -22.83 -0.68 -35.63
CA ASN B 364 -24.12 -0.59 -34.93
C ASN B 364 -24.29 -1.72 -33.90
N GLY B 365 -23.26 -1.90 -33.07
CA GLY B 365 -23.29 -2.86 -31.99
C GLY B 365 -22.84 -4.26 -32.36
N VAL B 366 -22.70 -4.57 -33.65
CA VAL B 366 -22.25 -5.89 -34.09
C VAL B 366 -20.72 -5.87 -34.14
N ILE B 367 -20.09 -6.71 -33.32
CA ILE B 367 -18.63 -6.70 -33.24
C ILE B 367 -18.03 -7.07 -34.58
N LYS B 368 -17.06 -6.27 -35.02
CA LYS B 368 -16.40 -6.53 -36.30
C LYS B 368 -15.54 -7.80 -36.21
N GLU B 369 -15.43 -8.50 -37.33
CA GLU B 369 -14.49 -9.60 -37.42
C GLU B 369 -13.06 -9.09 -37.26
N VAL B 370 -12.18 -9.96 -36.80
CA VAL B 370 -10.74 -9.66 -36.77
C VAL B 370 -10.18 -10.02 -38.14
N THR B 371 -9.71 -9.01 -38.88
CA THR B 371 -9.08 -9.22 -40.17
C THR B 371 -7.57 -9.22 -39.99
N ILE B 372 -6.89 -10.02 -40.81
CA ILE B 372 -5.44 -10.18 -40.74
C ILE B 372 -4.82 -9.53 -41.97
N ASN B 373 -3.89 -8.62 -41.74
CA ASN B 373 -3.19 -7.93 -42.81
C ASN B 373 -2.05 -8.82 -43.33
N PRO B 374 -1.54 -8.54 -44.54
CA PRO B 374 -0.41 -9.32 -45.06
C PRO B 374 0.84 -9.25 -44.19
N ASP B 375 1.01 -8.18 -43.41
CA ASP B 375 2.15 -8.07 -42.51
C ASP B 375 1.91 -8.72 -41.15
N THR B 376 0.80 -9.45 -41.00
CA THR B 376 0.37 -10.22 -39.83
C THR B 376 -0.24 -9.35 -38.74
N THR B 377 -0.30 -8.02 -38.91
CA THR B 377 -1.07 -7.19 -37.99
C THR B 377 -2.56 -7.35 -38.26
N CYS B 378 -3.37 -6.70 -37.44
CA CYS B 378 -4.82 -6.81 -37.53
C CYS B 378 -5.42 -5.51 -38.03
N GLY B 379 -6.50 -5.64 -38.80
CA GLY B 379 -7.35 -4.52 -39.16
C GLY B 379 -8.58 -4.46 -38.29
N ASN B 380 -9.57 -3.67 -38.74
CA ASN B 380 -10.84 -3.53 -38.04
C ASN B 380 -10.67 -3.02 -36.62
N ASP B 381 -9.65 -2.19 -36.40
CA ASP B 381 -9.39 -1.50 -35.13
C ASP B 381 -8.98 -2.45 -34.00
N TRP B 382 -8.59 -3.68 -34.33
CA TRP B 382 -8.03 -4.59 -33.35
C TRP B 382 -6.53 -4.37 -33.28
N VAL B 383 -6.01 -4.20 -32.06
CA VAL B 383 -4.59 -3.87 -31.89
C VAL B 383 -3.71 -5.09 -32.09
N CYS B 384 -4.12 -6.24 -31.55
CA CYS B 384 -3.36 -7.49 -31.64
C CYS B 384 -1.91 -7.32 -31.21
N GLU B 385 -1.73 -6.82 -29.98
CA GLU B 385 -0.39 -6.75 -29.39
C GLU B 385 0.26 -8.13 -29.35
N HIS B 386 -0.54 -9.19 -29.23
CA HIS B 386 0.01 -10.53 -29.18
C HIS B 386 0.64 -10.93 -30.51
N ARG B 387 0.31 -10.25 -31.60
CA ARG B 387 0.91 -10.50 -32.89
C ARG B 387 2.10 -9.59 -33.20
N TRP B 388 2.35 -8.58 -32.36
CA TRP B 388 3.57 -7.78 -32.50
C TRP B 388 4.78 -8.70 -32.43
N ARG B 389 5.68 -8.58 -33.40
CA ARG B 389 6.87 -9.43 -33.43
C ARG B 389 7.59 -9.39 -32.10
N GLN B 390 7.74 -8.19 -31.52
CA GLN B 390 8.49 -8.03 -30.28
C GLN B 390 7.84 -8.78 -29.12
N ILE B 391 6.52 -8.87 -29.10
CA ILE B 391 5.82 -9.57 -28.03
C ILE B 391 5.70 -11.06 -28.34
N ARG B 392 5.30 -11.39 -29.57
CA ARG B 392 5.16 -12.79 -29.95
C ARG B 392 6.46 -13.55 -29.77
N ASN B 393 7.58 -12.97 -30.23
CA ASN B 393 8.87 -13.63 -30.08
C ASN B 393 9.26 -13.80 -28.62
N MET B 394 8.82 -12.89 -27.75
CA MET B 394 9.08 -13.07 -26.33
C MET B 394 8.17 -14.11 -25.69
N VAL B 395 6.95 -14.26 -26.21
CA VAL B 395 6.13 -15.40 -25.83
C VAL B 395 6.85 -16.71 -26.14
N ILE B 396 7.51 -16.76 -27.30
CA ILE B 396 8.28 -17.95 -27.66
C ILE B 396 9.53 -18.05 -26.79
N PHE B 397 10.21 -16.93 -26.56
CA PHE B 397 11.37 -16.89 -25.67
C PHE B 397 11.05 -17.55 -24.34
N ARG B 398 9.89 -17.23 -23.77
CA ARG B 398 9.54 -17.77 -22.46
C ARG B 398 9.37 -19.28 -22.51
N ASN B 399 8.82 -19.80 -23.61
CA ASN B 399 8.73 -21.25 -23.77
C ASN B 399 10.11 -21.89 -23.83
N VAL B 400 11.03 -21.30 -24.60
CA VAL B 400 12.35 -21.89 -24.80
C VAL B 400 13.12 -21.96 -23.49
N VAL B 401 12.99 -20.93 -22.65
CA VAL B 401 13.79 -20.82 -21.44
C VAL B 401 13.04 -21.33 -20.21
N ASP B 402 11.89 -21.98 -20.40
CA ASP B 402 11.09 -22.46 -19.28
C ASP B 402 11.92 -23.34 -18.35
N GLY B 403 11.80 -23.08 -17.05
CA GLY B 403 12.51 -23.83 -16.04
C GLY B 403 13.93 -23.39 -15.78
N GLN B 404 14.51 -22.54 -16.66
CA GLN B 404 15.91 -22.16 -16.49
C GLN B 404 16.02 -21.04 -15.47
N PRO B 405 17.04 -21.07 -14.61
CA PRO B 405 17.13 -20.08 -13.53
C PRO B 405 17.52 -18.70 -14.04
N PHE B 406 16.97 -17.69 -13.36
CA PHE B 406 17.41 -16.32 -13.52
C PHE B 406 18.89 -16.22 -13.15
N THR B 407 19.70 -15.71 -14.09
CA THR B 407 21.15 -15.71 -13.89
C THR B 407 21.80 -14.66 -14.77
N ASN B 408 23.10 -14.45 -14.52
CA ASN B 408 23.94 -13.55 -15.31
C ASN B 408 23.41 -12.12 -15.34
N TRP B 409 22.80 -11.69 -14.24
CA TRP B 409 22.26 -10.34 -14.17
C TRP B 409 23.38 -9.31 -14.29
N TYR B 410 23.09 -8.23 -15.01
CA TYR B 410 23.96 -7.07 -15.08
C TYR B 410 23.10 -5.82 -15.01
N ASP B 411 23.63 -4.79 -14.37
CA ASP B 411 23.03 -3.46 -14.45
C ASP B 411 24.14 -2.43 -14.33
N ASN B 412 23.85 -1.22 -14.82
CA ASN B 412 24.80 -0.13 -14.77
C ASN B 412 24.55 0.83 -13.62
N GLY B 413 23.73 0.43 -12.65
CA GLY B 413 23.30 1.33 -11.60
C GLY B 413 22.25 2.32 -12.03
N SER B 414 21.82 2.29 -13.29
CA SER B 414 20.77 3.17 -13.78
C SER B 414 19.65 2.36 -14.42
N ASN B 415 19.53 2.39 -15.75
CA ASN B 415 18.44 1.70 -16.45
C ASN B 415 18.93 0.76 -17.54
N GLN B 416 20.22 0.48 -17.61
CA GLN B 416 20.77 -0.47 -18.57
C GLN B 416 21.03 -1.78 -17.83
N VAL B 417 20.20 -2.79 -18.12
CA VAL B 417 20.23 -4.06 -17.40
C VAL B 417 20.19 -5.20 -18.41
N ALA B 418 20.63 -6.37 -17.94
CA ALA B 418 20.55 -7.59 -18.73
C ALA B 418 20.52 -8.77 -17.77
N PHE B 419 19.97 -9.89 -18.25
CA PHE B 419 20.02 -11.14 -17.51
C PHE B 419 19.80 -12.29 -18.46
N GLY B 420 20.07 -13.51 -17.97
CA GLY B 420 19.87 -14.71 -18.74
C GLY B 420 18.96 -15.68 -18.00
N ARG B 421 18.52 -16.69 -18.73
CA ARG B 421 17.70 -17.76 -18.18
C ARG B 421 18.49 -19.05 -18.40
N GLY B 422 19.22 -19.47 -17.36
CA GLY B 422 20.13 -20.59 -17.52
C GLY B 422 21.06 -20.38 -18.70
N ASN B 423 21.23 -21.42 -19.50
CA ASN B 423 22.01 -21.35 -20.73
C ASN B 423 21.13 -21.27 -21.96
N ARG B 424 19.83 -21.03 -21.80
CA ARG B 424 18.90 -21.12 -22.91
C ARG B 424 18.51 -19.77 -23.50
N GLY B 425 18.81 -18.66 -22.82
CA GLY B 425 18.41 -17.36 -23.31
C GLY B 425 19.09 -16.24 -22.55
N PHE B 426 19.19 -15.08 -23.22
CA PHE B 426 19.75 -13.88 -22.63
C PHE B 426 19.01 -12.69 -23.22
N ILE B 427 18.81 -11.65 -22.40
CA ILE B 427 18.05 -10.48 -22.82
C ILE B 427 18.70 -9.23 -22.23
N VAL B 428 18.77 -8.17 -23.03
CA VAL B 428 19.49 -6.95 -22.68
C VAL B 428 18.54 -5.77 -22.86
N PHE B 429 18.49 -4.89 -21.88
CA PHE B 429 17.59 -3.74 -21.88
C PHE B 429 18.38 -2.45 -21.74
N ASN B 430 18.05 -1.46 -22.56
CA ASN B 430 18.59 -0.11 -22.45
C ASN B 430 17.44 0.86 -22.29
N ASN B 431 17.15 1.25 -21.05
CA ASN B 431 16.16 2.27 -20.76
C ASN B 431 16.79 3.57 -20.28
N ASP B 432 18.10 3.72 -20.44
CA ASP B 432 18.75 5.00 -20.20
C ASP B 432 18.77 5.84 -21.47
N ASP B 433 18.98 7.15 -21.29
CA ASP B 433 18.96 8.11 -22.37
C ASP B 433 20.31 8.23 -23.10
N TRP B 434 21.16 7.21 -23.00
CA TRP B 434 22.39 7.13 -23.77
C TRP B 434 22.57 5.70 -24.25
N SER B 435 23.63 5.45 -25.01
CA SER B 435 23.82 4.16 -25.63
C SER B 435 24.21 3.10 -24.60
N PHE B 436 23.92 1.85 -24.95
CA PHE B 436 24.28 0.67 -24.16
C PHE B 436 25.21 -0.16 -25.03
N SER B 437 26.51 -0.03 -24.80
CA SER B 437 27.52 -0.73 -25.60
C SER B 437 28.45 -1.45 -24.63
N LEU B 438 28.35 -2.77 -24.58
CA LEU B 438 29.09 -3.54 -23.59
C LEU B 438 29.15 -4.99 -24.02
N THR B 439 30.18 -5.69 -23.55
CA THR B 439 30.32 -7.12 -23.76
C THR B 439 29.91 -7.83 -22.48
N LEU B 440 28.95 -8.75 -22.61
CA LEU B 440 28.30 -9.37 -21.46
C LEU B 440 28.39 -10.88 -21.55
N GLN B 441 28.49 -11.51 -20.38
CA GLN B 441 28.39 -12.96 -20.30
C GLN B 441 26.91 -13.33 -20.45
N THR B 442 26.60 -14.04 -21.54
CA THR B 442 25.23 -14.45 -21.80
C THR B 442 24.91 -15.84 -21.27
N GLY B 443 25.93 -16.67 -21.02
CA GLY B 443 25.71 -18.05 -20.66
C GLY B 443 25.23 -18.94 -21.78
N LEU B 444 25.22 -18.45 -23.03
CA LEU B 444 24.74 -19.23 -24.17
C LEU B 444 25.90 -19.92 -24.88
N PRO B 445 25.62 -21.04 -25.56
CA PRO B 445 26.65 -21.66 -26.39
C PRO B 445 27.12 -20.72 -27.49
N ALA B 446 28.41 -20.82 -27.82
CA ALA B 446 29.00 -20.03 -28.90
C ALA B 446 28.20 -20.21 -30.19
N GLY B 447 28.04 -19.12 -30.92
CA GLY B 447 27.32 -19.14 -32.17
C GLY B 447 26.83 -17.76 -32.55
N THR B 448 26.09 -17.73 -33.67
CA THR B 448 25.47 -16.52 -34.18
C THR B 448 23.98 -16.60 -33.86
N TYR B 449 23.47 -15.62 -33.11
CA TYR B 449 22.09 -15.63 -32.64
C TYR B 449 21.29 -14.51 -33.30
N CYS B 450 20.08 -14.86 -33.74
CA CYS B 450 19.15 -13.86 -34.25
C CYS B 450 18.48 -13.14 -33.09
N ASP B 451 18.53 -11.81 -33.11
CA ASP B 451 17.80 -11.02 -32.14
C ASP B 451 16.31 -11.09 -32.47
N VAL B 452 15.52 -11.67 -31.57
CA VAL B 452 14.09 -11.88 -31.84
C VAL B 452 13.25 -10.65 -31.60
N ILE B 453 13.83 -9.56 -31.12
CA ILE B 453 13.10 -8.30 -30.96
C ILE B 453 13.10 -7.49 -32.26
N SER B 454 14.27 -7.34 -32.88
CA SER B 454 14.36 -6.58 -34.13
C SER B 454 14.05 -7.42 -35.37
N GLY B 455 13.99 -8.74 -35.24
CA GLY B 455 13.78 -9.58 -36.40
C GLY B 455 13.44 -11.00 -36.03
N ASP B 456 13.69 -11.90 -36.97
CA ASP B 456 13.34 -13.30 -36.85
C ASP B 456 14.46 -14.15 -37.42
N LYS B 457 14.49 -15.42 -36.99
CA LYS B 457 15.29 -16.45 -37.65
C LYS B 457 14.41 -17.09 -38.72
N ILE B 458 14.76 -16.89 -39.99
CA ILE B 458 13.98 -17.41 -41.10
C ILE B 458 14.96 -17.98 -42.13
N ASN B 459 14.83 -19.27 -42.42
CA ASN B 459 15.66 -19.96 -43.41
C ASN B 459 17.16 -19.79 -43.12
N GLY B 460 17.54 -20.16 -41.90
CA GLY B 460 18.93 -20.11 -41.50
C GLY B 460 19.60 -18.75 -41.61
N ASN B 461 18.83 -17.67 -41.44
CA ASN B 461 19.40 -16.34 -41.37
C ASN B 461 18.49 -15.44 -40.54
N CYS B 462 19.04 -14.30 -40.12
CA CYS B 462 18.32 -13.34 -39.30
C CYS B 462 17.87 -12.15 -40.14
N THR B 463 16.63 -11.72 -39.91
CA THR B 463 16.12 -10.51 -40.55
C THR B 463 16.44 -9.25 -39.76
N GLY B 464 16.86 -9.39 -38.51
CA GLY B 464 17.25 -8.25 -37.69
C GLY B 464 18.69 -8.29 -37.22
N ILE B 465 18.93 -7.74 -36.02
CA ILE B 465 20.28 -7.71 -35.45
C ILE B 465 20.81 -9.14 -35.27
N LYS B 466 22.12 -9.30 -35.38
CA LYS B 466 22.81 -10.55 -35.13
C LYS B 466 23.77 -10.40 -33.96
N ILE B 467 23.70 -11.34 -33.02
CA ILE B 467 24.58 -11.37 -31.86
C ILE B 467 25.56 -12.52 -32.02
N TYR B 468 26.83 -12.24 -31.72
CA TYR B 468 27.91 -13.22 -31.86
C TYR B 468 28.44 -13.56 -30.48
N VAL B 469 28.14 -14.77 -30.01
CA VAL B 469 28.58 -15.26 -28.71
C VAL B 469 29.85 -16.09 -28.90
N SER B 470 30.88 -15.80 -28.10
CA SER B 470 32.13 -16.52 -28.18
C SER B 470 32.09 -17.80 -27.35
N ASP B 471 33.21 -18.53 -27.34
CA ASP B 471 33.28 -19.77 -26.56
C ASP B 471 33.20 -19.51 -25.06
N ASP B 472 33.62 -18.33 -24.61
CA ASP B 472 33.51 -17.98 -23.20
C ASP B 472 32.09 -17.59 -22.81
N GLY B 473 31.14 -17.66 -23.74
CA GLY B 473 29.79 -17.23 -23.50
C GLY B 473 29.55 -15.74 -23.64
N LYS B 474 30.60 -14.93 -23.79
CA LYS B 474 30.45 -13.49 -23.92
C LYS B 474 29.97 -13.11 -25.31
N ALA B 475 29.25 -12.00 -25.36
CA ALA B 475 28.80 -11.42 -26.62
C ALA B 475 28.70 -9.92 -26.44
N HIS B 476 28.98 -9.18 -27.50
CA HIS B 476 28.90 -7.73 -27.46
C HIS B 476 27.50 -7.27 -27.88
N PHE B 477 26.96 -6.33 -27.13
CA PHE B 477 25.65 -5.76 -27.41
C PHE B 477 25.82 -4.25 -27.55
N SER B 478 25.18 -3.67 -28.57
CA SER B 478 25.23 -2.23 -28.80
C SER B 478 23.82 -1.76 -29.12
N ILE B 479 23.18 -1.08 -28.17
CA ILE B 479 21.81 -0.63 -28.30
C ILE B 479 21.79 0.88 -28.09
N SER B 480 21.52 1.63 -29.15
CA SER B 480 21.31 3.05 -29.02
C SER B 480 20.01 3.33 -28.28
N ASN B 481 19.99 4.43 -27.52
CA ASN B 481 18.75 4.85 -26.88
C ASN B 481 17.72 5.35 -27.89
N SER B 482 18.13 5.54 -29.14
CA SER B 482 17.22 5.89 -30.23
C SER B 482 16.69 4.69 -30.98
N ALA B 483 17.11 3.47 -30.62
CA ALA B 483 16.62 2.28 -31.29
C ALA B 483 15.10 2.20 -31.21
N GLU B 484 14.49 1.66 -32.28
CA GLU B 484 13.04 1.50 -32.29
C GLU B 484 12.58 0.69 -31.09
N ASP B 485 13.22 -0.45 -30.87
CA ASP B 485 13.08 -1.23 -29.64
C ASP B 485 14.43 -1.29 -28.96
N PRO B 486 14.62 -0.61 -27.80
CA PRO B 486 15.92 -0.57 -27.13
C PRO B 486 16.21 -1.78 -26.25
N PHE B 487 15.91 -2.97 -26.77
CA PHE B 487 16.22 -4.20 -26.08
C PHE B 487 16.41 -5.33 -27.08
N ILE B 488 17.21 -6.31 -26.68
CA ILE B 488 17.60 -7.42 -27.54
C ILE B 488 17.39 -8.72 -26.77
N ALA B 489 16.82 -9.72 -27.45
CA ALA B 489 16.58 -11.02 -26.86
C ALA B 489 17.10 -12.10 -27.80
N ILE B 490 17.92 -13.01 -27.27
CA ILE B 490 18.41 -14.16 -27.99
C ILE B 490 18.19 -15.40 -27.14
N HIS B 491 17.95 -16.53 -27.80
CA HIS B 491 17.70 -17.79 -27.10
C HIS B 491 18.19 -18.95 -27.95
N ALA B 492 18.06 -20.17 -27.39
CA ALA B 492 18.61 -21.36 -28.05
C ALA B 492 17.97 -21.61 -29.41
N GLU B 493 16.69 -21.27 -29.58
CA GLU B 493 16.01 -21.50 -30.84
C GLU B 493 16.17 -20.34 -31.82
N SER B 494 16.89 -19.29 -31.45
CA SER B 494 17.27 -18.24 -32.39
C SER B 494 18.71 -18.38 -32.86
N LYS B 495 19.41 -19.45 -32.45
CA LYS B 495 20.76 -19.71 -32.89
C LYS B 495 20.75 -20.25 -34.33
N LEU B 496 21.63 -19.71 -35.16
CA LEU B 496 21.79 -20.19 -36.53
C LEU B 496 22.53 -21.53 -36.53
N TYR C 2 17.81 10.30 -3.60
CA TYR C 2 17.70 9.26 -4.59
C TYR C 2 16.24 9.09 -4.92
N GLY C 3 15.81 9.73 -6.01
CA GLY C 3 14.41 9.82 -6.34
C GLY C 3 13.69 10.87 -5.51
N HIS C 4 12.39 10.66 -5.28
CA HIS C 4 11.63 11.50 -4.36
C HIS C 4 10.58 10.67 -3.62
N SER C 5 10.75 9.35 -3.59
CA SER C 5 9.73 8.46 -3.04
C SER C 5 9.74 8.44 -1.52
N HIS C 6 10.90 8.17 -0.92
CA HIS C 6 11.03 8.00 0.53
C HIS C 6 11.85 9.17 1.08
N ILE C 7 11.18 10.28 1.33
CA ILE C 7 11.83 11.45 1.91
C ILE C 7 11.88 11.31 3.42
N ARG C 8 13.04 11.61 3.99
CA ARG C 8 13.25 11.58 5.42
C ARG C 8 13.98 12.84 5.85
N PHE C 9 13.67 13.31 7.05
CA PHE C 9 14.24 14.52 7.64
C PHE C 9 13.75 15.79 6.92
N GLY C 10 12.68 15.70 6.15
CA GLY C 10 12.07 16.85 5.53
C GLY C 10 12.59 17.13 4.14
N TYR C 11 11.94 18.10 3.48
CA TYR C 11 12.30 18.44 2.11
C TYR C 11 13.70 19.01 2.02
N SER C 12 14.01 20.01 2.85
CA SER C 12 15.28 20.72 2.74
C SER C 12 16.47 19.77 2.88
N TYR C 13 16.40 18.85 3.84
CA TYR C 13 17.44 17.83 3.97
C TYR C 13 17.53 16.97 2.71
N HIS C 14 16.38 16.59 2.16
CA HIS C 14 16.37 15.71 0.99
C HIS C 14 17.01 16.40 -0.20
N VAL C 15 16.68 17.67 -0.43
CA VAL C 15 17.24 18.41 -1.56
C VAL C 15 18.76 18.48 -1.46
N SER C 16 19.27 18.75 -0.25
CA SER C 16 20.73 18.76 -0.08
C SER C 16 21.31 17.36 -0.17
N TYR C 17 20.52 16.33 0.12
CA TYR C 17 21.02 14.96 -0.01
C TYR C 17 21.03 14.52 -1.47
N CYS C 18 19.99 14.89 -2.22
CA CYS C 18 19.93 14.56 -3.64
C CYS C 18 21.03 15.27 -4.40
N GLY C 19 21.55 16.36 -3.84
CA GLY C 19 22.74 17.04 -4.44
C GLY C 19 23.99 16.57 -3.75
N TYR D 2 -18.17 6.43 -5.40
CA TYR D 2 -17.85 6.73 -4.03
C TYR D 2 -16.42 7.11 -3.85
N GLY D 3 -15.98 8.40 -4.40
CA GLY D 3 -14.58 8.78 -4.37
C GLY D 3 -13.83 8.20 -5.56
N HIS D 4 -12.66 8.73 -5.86
CA HIS D 4 -11.90 8.36 -7.05
C HIS D 4 -10.81 7.33 -6.77
N SER D 5 -10.86 6.63 -5.63
CA SER D 5 -9.79 5.70 -5.27
C SER D 5 -10.02 4.30 -5.83
N HIS D 6 -11.27 3.82 -5.79
CA HIS D 6 -11.60 2.45 -6.22
C HIS D 6 -12.55 2.54 -7.41
N ILE D 7 -11.99 2.80 -8.58
CA ILE D 7 -12.77 2.93 -9.81
C ILE D 7 -12.71 1.60 -10.56
N ARG D 8 -13.88 1.05 -10.85
CA ARG D 8 -14.02 -0.14 -11.68
C ARG D 8 -14.81 0.23 -12.93
N PHE D 9 -14.46 -0.42 -14.04
CA PHE D 9 -15.09 -0.20 -15.34
C PHE D 9 -14.76 1.14 -15.96
N GLY D 10 -13.70 1.80 -15.50
CA GLY D 10 -13.22 3.01 -16.14
C GLY D 10 -13.83 4.28 -15.56
N TYR D 11 -13.30 5.41 -16.01
CA TYR D 11 -13.70 6.71 -15.48
C TYR D 11 -15.14 7.03 -15.86
N SER D 12 -15.52 6.77 -17.11
CA SER D 12 -16.85 7.16 -17.58
C SER D 12 -17.94 6.45 -16.81
N TYR D 13 -17.83 5.13 -16.67
CA TYR D 13 -18.76 4.38 -15.84
C TYR D 13 -18.81 4.96 -14.42
N HIS D 14 -17.67 5.42 -13.92
CA HIS D 14 -17.61 5.95 -12.56
C HIS D 14 -18.42 7.23 -12.44
N VAL D 15 -18.25 8.15 -13.41
CA VAL D 15 -18.94 9.43 -13.34
C VAL D 15 -20.46 9.24 -13.40
N SER D 16 -20.93 8.40 -14.32
CA SER D 16 -22.36 8.16 -14.47
C SER D 16 -22.92 7.19 -13.43
N TYR D 17 -22.10 6.76 -12.48
CA TYR D 17 -22.56 6.04 -11.31
C TYR D 17 -22.52 6.88 -10.04
N CYS D 18 -21.50 7.74 -9.91
CA CYS D 18 -21.39 8.66 -8.79
C CYS D 18 -22.48 9.72 -8.86
N GLY D 19 -22.82 10.13 -10.07
CA GLY D 19 -23.77 11.25 -10.31
C GLY D 19 -25.13 10.77 -10.76
#